data_3RMR
#
_entry.id   3RMR
#
_cell.length_a   119.432
_cell.length_b   119.432
_cell.length_c   312.572
_cell.angle_alpha   90.00
_cell.angle_beta   90.00
_cell.angle_gamma   120.00
#
_symmetry.space_group_name_H-M   'P 61 2 2'
#
loop_
_entity.id
_entity.type
_entity.pdbx_description
1 polymer 'Avirulence protein'
2 water water
#
_entity_poly.entity_id   1
_entity_poly.type   'polypeptide(L)'
_entity_poly.pdbx_seq_one_letter_code
;AQTALDDDEERWPFGPSAVEALIETIDRHGRVSLNDEAK(MSE)KKVVRTWKKLIERDDLIGEIGKHYFEAPGPLHDTYD
EALATRLVTTYSDRGVARAILHTRPSDPLSKKAGQAHRLEEAVASLWKGRGYTSDNVVSSIATGHDVDFFAPTAFTFLVK
CVESEDDANNAIFEYFGSNPSRYFSAVLHA(MSE)EKPDADSRVLESSKKW(MSE)FQCYAQKQFPTPVFERTLAAYQSE
DYAIRGARNHYEKLSLSQIEELVEEYSRIYSV
;
_entity_poly.pdbx_strand_id   A,B,C
#
# COMPACT_ATOMS: atom_id res chain seq x y z
N TRP A 12 -19.16 -25.58 11.66
CA TRP A 12 -19.69 -25.87 10.33
C TRP A 12 -21.21 -25.73 10.30
N PRO A 13 -21.86 -26.39 11.25
CA PRO A 13 -23.29 -26.21 11.52
C PRO A 13 -23.38 -25.68 12.93
N PHE A 14 -22.24 -25.65 13.61
CA PHE A 14 -22.18 -25.41 15.04
C PHE A 14 -21.47 -24.14 15.41
N GLY A 15 -21.39 -23.87 16.70
CA GLY A 15 -20.88 -22.61 17.20
C GLY A 15 -19.43 -22.39 16.82
N PRO A 16 -19.03 -21.11 16.75
CA PRO A 16 -17.65 -20.72 16.46
C PRO A 16 -16.78 -20.91 17.69
N SER A 17 -15.48 -21.10 17.50
CA SER A 17 -14.52 -20.99 18.60
C SER A 17 -14.44 -19.53 19.04
N ALA A 18 -13.83 -19.28 20.20
CA ALA A 18 -13.63 -17.91 20.67
C ALA A 18 -12.89 -17.10 19.60
N VAL A 19 -11.83 -17.69 19.04
CA VAL A 19 -11.04 -17.04 17.99
C VAL A 19 -11.91 -16.67 16.80
N GLU A 20 -12.66 -17.63 16.28
CA GLU A 20 -13.52 -17.41 15.13
C GLU A 20 -14.52 -16.29 15.39
N ALA A 21 -15.09 -16.28 16.59
CA ALA A 21 -16.12 -15.33 16.95
C ALA A 21 -15.56 -13.91 16.98
N LEU A 22 -14.41 -13.75 17.63
CA LEU A 22 -13.77 -12.45 17.68
C LEU A 22 -13.33 -11.97 16.27
N ILE A 23 -12.86 -12.91 15.45
CA ILE A 23 -12.48 -12.57 14.09
C ILE A 23 -13.70 -12.06 13.32
N GLU A 24 -14.84 -12.74 13.47
CA GLU A 24 -16.05 -12.33 12.78
C GLU A 24 -16.46 -10.93 13.26
N THR A 25 -16.28 -10.66 14.54
CA THR A 25 -16.56 -9.32 15.06
C THR A 25 -15.66 -8.23 14.42
N ILE A 26 -14.35 -8.43 14.49
CA ILE A 26 -13.40 -7.48 13.91
C ILE A 26 -13.69 -7.27 12.41
N ASP A 27 -13.94 -8.35 11.68
CA ASP A 27 -14.29 -8.22 10.27
C ASP A 27 -15.55 -7.37 10.09
N ARG A 28 -16.59 -7.69 10.85
CA ARG A 28 -17.83 -6.92 10.79
CA ARG A 28 -17.82 -6.92 10.82
C ARG A 28 -17.52 -5.44 10.99
N HIS A 29 -16.74 -5.11 12.02
CA HIS A 29 -16.44 -3.71 12.32
C HIS A 29 -15.67 -3.03 11.19
N GLY A 30 -14.91 -3.83 10.44
CA GLY A 30 -14.06 -3.25 9.40
C GLY A 30 -14.72 -3.18 8.03
N ARG A 31 -15.91 -3.75 7.94
CA ARG A 31 -16.60 -3.94 6.67
C ARG A 31 -17.74 -2.96 6.57
N VAL A 32 -18.34 -2.66 7.71
CA VAL A 32 -19.35 -1.61 7.78
C VAL A 32 -18.65 -0.26 7.97
N SER A 33 -17.34 -0.32 8.25
CA SER A 33 -16.43 0.81 8.08
C SER A 33 -16.65 1.95 9.09
N LEU A 34 -17.29 3.00 8.60
CA LEU A 34 -17.90 4.03 9.45
C LEU A 34 -17.11 4.75 10.58
N ASN A 35 -17.76 4.76 11.74
CA ASN A 35 -18.00 5.99 12.47
C ASN A 35 -17.33 6.27 13.81
N ASP A 36 -16.67 7.42 13.91
CA ASP A 36 -15.90 7.79 15.11
C ASP A 36 -16.49 7.30 16.44
N GLU A 37 -17.64 7.83 16.82
CA GLU A 37 -18.21 7.49 18.13
C GLU A 37 -18.40 5.98 18.29
N ALA A 38 -18.71 5.32 17.17
CA ALA A 38 -18.87 3.87 17.16
C ALA A 38 -17.52 3.19 17.27
N LYS A 39 -16.55 3.69 16.51
CA LYS A 39 -15.18 3.20 16.58
C LYS A 39 -14.67 3.18 18.02
N MSE A 40 -14.74 4.33 18.70
CA MSE A 40 -14.16 4.49 20.04
C MSE A 40 -14.70 3.52 21.07
O MSE A 40 -14.01 3.17 22.04
CB MSE A 40 -14.37 5.92 20.56
CG MSE A 40 -13.96 6.97 19.55
SE MSE A 40 -12.15 6.67 18.92
CE MSE A 40 -11.20 7.43 20.44
N LYS A 41 -15.92 3.05 20.87
CA LYS A 41 -16.55 2.15 21.83
C LYS A 41 -16.24 0.71 21.45
N LYS A 42 -16.33 0.45 20.16
CA LYS A 42 -16.15 -0.89 19.64
C LYS A 42 -14.71 -1.36 19.82
N VAL A 43 -13.77 -0.43 19.68
CA VAL A 43 -12.37 -0.79 19.85
C VAL A 43 -12.11 -1.13 21.31
N VAL A 44 -12.74 -0.41 22.24
CA VAL A 44 -12.56 -0.70 23.67
C VAL A 44 -13.08 -2.10 23.99
N ARG A 45 -14.26 -2.40 23.47
CA ARG A 45 -14.87 -3.71 23.65
C ARG A 45 -13.95 -4.82 23.10
N THR A 46 -13.47 -4.63 21.87
CA THR A 46 -12.60 -5.62 21.25
C THR A 46 -11.35 -5.84 22.09
N TRP A 47 -10.76 -4.75 22.57
CA TRP A 47 -9.58 -4.84 23.41
C TRP A 47 -9.88 -5.71 24.63
N LYS A 48 -10.95 -5.39 25.36
CA LYS A 48 -11.34 -6.20 26.52
C LYS A 48 -11.37 -7.68 26.18
N LYS A 49 -12.03 -8.02 25.07
CA LYS A 49 -12.08 -9.43 24.66
C LYS A 49 -10.70 -10.04 24.40
N LEU A 50 -9.80 -9.28 23.76
CA LEU A 50 -8.47 -9.78 23.43
C LEU A 50 -7.60 -10.01 24.67
N ILE A 51 -7.84 -9.22 25.72
CA ILE A 51 -6.99 -9.34 26.89
C ILE A 51 -7.55 -10.25 27.98
N GLU A 52 -8.85 -10.56 27.92
CA GLU A 52 -9.48 -11.34 28.99
C GLU A 52 -9.02 -12.80 29.04
N ARG A 53 -8.49 -13.32 27.94
CA ARG A 53 -7.82 -14.62 27.99
C ARG A 53 -6.52 -14.59 27.20
N ASP A 54 -5.73 -15.66 27.28
CA ASP A 54 -4.35 -15.61 26.81
C ASP A 54 -4.14 -16.39 25.52
N ASP A 55 -5.24 -16.85 24.94
CA ASP A 55 -5.15 -17.74 23.80
C ASP A 55 -5.82 -17.15 22.56
N LEU A 56 -5.80 -15.84 22.44
CA LEU A 56 -6.45 -15.16 21.34
CA LEU A 56 -6.45 -15.16 21.34
CA LEU A 56 -6.47 -15.16 21.33
C LEU A 56 -5.49 -14.39 20.44
N ILE A 57 -4.65 -13.58 21.06
CA ILE A 57 -3.75 -12.70 20.32
C ILE A 57 -2.88 -13.40 19.27
N GLY A 58 -2.26 -14.51 19.66
CA GLY A 58 -1.41 -15.26 18.75
C GLY A 58 -2.16 -15.75 17.52
N GLU A 59 -3.32 -16.36 17.74
CA GLU A 59 -4.07 -17.00 16.66
C GLU A 59 -4.74 -15.99 15.74
N ILE A 60 -5.28 -14.93 16.34
CA ILE A 60 -5.95 -13.91 15.53
C ILE A 60 -4.89 -13.15 14.73
N GLY A 61 -3.76 -12.86 15.38
CA GLY A 61 -2.62 -12.24 14.71
C GLY A 61 -2.16 -13.05 13.51
N LYS A 62 -1.99 -14.36 13.70
CA LYS A 62 -1.59 -15.23 12.61
C LYS A 62 -2.63 -15.21 11.48
N HIS A 63 -3.91 -15.18 11.89
CA HIS A 63 -4.99 -15.17 10.90
C HIS A 63 -4.89 -13.96 10.00
N TYR A 64 -4.73 -12.76 10.58
CA TYR A 64 -4.64 -11.57 9.72
C TYR A 64 -3.31 -11.49 8.96
N PHE A 65 -2.25 -11.96 9.60
CA PHE A 65 -0.95 -12.06 8.94
C PHE A 65 -1.07 -12.80 7.62
N GLU A 66 -1.77 -13.92 7.64
CA GLU A 66 -1.91 -14.73 6.42
C GLU A 66 -3.01 -14.20 5.50
N ALA A 67 -3.86 -13.33 6.03
CA ALA A 67 -4.96 -12.75 5.26
C ALA A 67 -5.36 -11.38 5.86
N PRO A 68 -4.62 -10.33 5.54
CA PRO A 68 -4.81 -9.04 6.24
C PRO A 68 -6.17 -8.39 5.97
N GLY A 69 -6.74 -8.68 4.80
CA GLY A 69 -7.96 -8.02 4.37
C GLY A 69 -8.38 -8.54 3.02
N PRO A 70 -9.58 -8.17 2.56
CA PRO A 70 -10.20 -8.75 1.36
C PRO A 70 -9.53 -8.40 0.03
N LEU A 71 -8.62 -7.44 0.02
CA LEU A 71 -7.92 -7.03 -1.20
C LEU A 71 -6.47 -7.52 -1.22
N HIS A 72 -6.08 -8.36 -0.26
CA HIS A 72 -4.66 -8.70 -0.11
C HIS A 72 -4.21 -9.65 -1.22
N ASP A 73 -2.95 -9.52 -1.62
CA ASP A 73 -2.38 -10.36 -2.67
C ASP A 73 -1.07 -10.99 -2.20
N THR A 74 -1.02 -11.23 -0.89
CA THR A 74 0.14 -11.77 -0.18
C THR A 74 0.95 -12.84 -0.90
N TYR A 75 0.27 -13.79 -1.55
CA TYR A 75 0.97 -14.96 -2.08
C TYR A 75 1.09 -14.98 -3.59
N ASP A 76 0.76 -13.86 -4.22
CA ASP A 76 0.85 -13.78 -5.68
C ASP A 76 2.26 -14.03 -6.20
N GLU A 77 3.27 -13.50 -5.52
CA GLU A 77 4.65 -13.74 -5.94
C GLU A 77 5.02 -15.22 -5.91
N ALA A 78 4.64 -15.95 -4.87
CA ALA A 78 4.94 -17.37 -4.83
C ALA A 78 4.27 -18.08 -6.00
N LEU A 79 3.01 -17.75 -6.25
CA LEU A 79 2.26 -18.37 -7.36
C LEU A 79 2.97 -18.12 -8.68
N ALA A 80 3.34 -16.86 -8.92
CA ALA A 80 4.09 -16.53 -10.11
C ALA A 80 5.40 -17.33 -10.18
N THR A 81 6.08 -17.51 -9.05
CA THR A 81 7.35 -18.24 -9.08
C THR A 81 7.09 -19.66 -9.52
N ARG A 82 6.04 -20.26 -8.98
CA ARG A 82 5.68 -21.62 -9.34
C ARG A 82 5.38 -21.70 -10.85
N LEU A 83 4.59 -20.74 -11.36
CA LEU A 83 4.10 -20.79 -12.73
C LEU A 83 5.20 -20.54 -13.75
N VAL A 84 5.98 -19.50 -13.50
CA VAL A 84 7.12 -19.16 -14.34
C VAL A 84 8.08 -20.34 -14.34
N THR A 85 8.34 -20.92 -13.17
CA THR A 85 9.22 -22.07 -13.12
C THR A 85 8.67 -23.26 -13.94
N THR A 86 7.35 -23.45 -13.91
CA THR A 86 6.76 -24.62 -14.57
C THR A 86 6.54 -24.46 -16.09
N TYR A 87 6.27 -23.24 -16.54
CA TYR A 87 5.76 -22.95 -17.89
C TYR A 87 6.61 -21.92 -18.67
N SER A 88 7.70 -21.49 -18.01
CA SER A 88 8.65 -20.55 -18.60
C SER A 88 8.09 -19.15 -18.74
N ASP A 89 9.00 -18.18 -18.87
CA ASP A 89 8.64 -16.80 -19.08
C ASP A 89 7.78 -16.64 -20.34
N ARG A 90 8.10 -17.42 -21.37
CA ARG A 90 7.35 -17.36 -22.63
C ARG A 90 5.97 -18.01 -22.47
N GLY A 91 5.91 -19.14 -21.77
CA GLY A 91 4.62 -19.75 -21.49
C GLY A 91 3.72 -18.72 -20.84
N VAL A 92 4.19 -18.11 -19.75
CA VAL A 92 3.29 -17.25 -19.01
C VAL A 92 2.98 -15.96 -19.77
N ALA A 93 3.95 -15.45 -20.52
CA ALA A 93 3.63 -14.28 -21.36
C ALA A 93 2.49 -14.61 -22.32
N ARG A 94 2.59 -15.77 -22.97
CA ARG A 94 1.56 -16.20 -23.90
C ARG A 94 0.20 -16.32 -23.22
N ALA A 95 0.17 -16.98 -22.05
CA ALA A 95 -1.08 -17.16 -21.32
C ALA A 95 -1.70 -15.80 -20.95
N ILE A 96 -0.86 -14.88 -20.48
CA ILE A 96 -1.32 -13.57 -20.09
C ILE A 96 -1.92 -12.86 -21.29
N LEU A 97 -1.18 -12.85 -22.40
CA LEU A 97 -1.65 -12.18 -23.62
C LEU A 97 -2.95 -12.79 -24.16
N HIS A 98 -3.05 -14.12 -24.12
CA HIS A 98 -4.12 -14.84 -24.80
C HIS A 98 -5.41 -14.95 -24.01
N THR A 99 -5.32 -15.09 -22.69
CA THR A 99 -6.51 -15.29 -21.87
C THR A 99 -7.13 -13.98 -21.40
N ARG A 100 -6.50 -12.86 -21.73
CA ARG A 100 -7.03 -11.56 -21.30
C ARG A 100 -8.44 -11.39 -21.86
N PRO A 101 -9.42 -11.21 -20.96
CA PRO A 101 -10.81 -11.05 -21.42
C PRO A 101 -10.95 -9.75 -22.21
N SER A 102 -11.72 -9.79 -23.28
CA SER A 102 -11.89 -8.62 -24.14
C SER A 102 -12.96 -7.71 -23.55
N ASP A 103 -13.90 -8.32 -22.82
CA ASP A 103 -14.95 -7.59 -22.12
C ASP A 103 -14.40 -6.82 -20.91
N PRO A 104 -14.49 -5.48 -20.95
CA PRO A 104 -14.03 -4.65 -19.83
C PRO A 104 -14.75 -4.98 -18.50
N LEU A 105 -15.94 -5.58 -18.59
CA LEU A 105 -16.73 -5.87 -17.40
C LEU A 105 -16.60 -7.30 -16.97
N SER A 106 -15.75 -8.05 -17.67
CA SER A 106 -15.52 -9.45 -17.36
C SER A 106 -15.33 -9.68 -15.87
N LYS A 107 -15.96 -10.76 -15.37
CA LYS A 107 -15.76 -11.24 -14.00
C LYS A 107 -14.35 -11.77 -13.80
N LYS A 108 -13.66 -12.03 -14.92
CA LYS A 108 -12.36 -12.67 -14.87
C LYS A 108 -11.21 -11.67 -14.90
N ALA A 109 -11.50 -10.42 -15.22
CA ALA A 109 -10.45 -9.42 -15.40
C ALA A 109 -9.57 -9.24 -14.15
N GLY A 110 -10.16 -9.37 -12.96
CA GLY A 110 -9.43 -9.20 -11.71
C GLY A 110 -8.36 -10.27 -11.56
N GLN A 111 -8.76 -11.53 -11.62
CA GLN A 111 -7.82 -12.64 -11.59
C GLN A 111 -6.69 -12.43 -12.60
N ALA A 112 -7.05 -12.19 -13.85
CA ALA A 112 -6.06 -12.01 -14.89
C ALA A 112 -5.07 -10.86 -14.57
N HIS A 113 -5.59 -9.75 -14.05
CA HIS A 113 -4.73 -8.63 -13.67
C HIS A 113 -3.78 -8.98 -12.52
N ARG A 114 -4.25 -9.82 -11.61
CA ARG A 114 -3.43 -10.30 -10.52
C ARG A 114 -2.30 -11.12 -11.08
N LEU A 115 -2.63 -12.12 -11.89
CA LEU A 115 -1.58 -12.96 -12.49
C LEU A 115 -0.52 -12.14 -13.23
N GLU A 116 -0.97 -11.31 -14.18
CA GLU A 116 -0.01 -10.58 -14.98
C GLU A 116 0.80 -9.60 -14.14
N GLU A 117 0.16 -8.97 -13.15
CA GLU A 117 0.86 -8.02 -12.30
C GLU A 117 1.92 -8.72 -11.44
N ALA A 118 1.59 -9.94 -11.02
CA ALA A 118 2.49 -10.82 -10.26
C ALA A 118 3.70 -11.20 -11.10
N VAL A 119 3.48 -11.54 -12.36
CA VAL A 119 4.61 -11.82 -13.26
C VAL A 119 5.46 -10.55 -13.45
N ALA A 120 4.84 -9.42 -13.75
CA ALA A 120 5.62 -8.18 -13.89
C ALA A 120 6.50 -7.91 -12.65
N SER A 121 5.91 -8.03 -11.47
CA SER A 121 6.65 -7.76 -10.23
C SER A 121 7.78 -8.76 -10.05
N LEU A 122 7.47 -10.05 -10.20
CA LEU A 122 8.53 -11.05 -10.11
C LEU A 122 9.71 -10.71 -11.03
N TRP A 123 9.44 -10.36 -12.29
CA TRP A 123 10.51 -10.05 -13.24
C TRP A 123 11.30 -8.83 -12.82
N LYS A 124 10.60 -7.75 -12.46
CA LYS A 124 11.30 -6.56 -12.00
C LYS A 124 12.25 -6.95 -10.87
N GLY A 125 11.76 -7.74 -9.93
CA GLY A 125 12.53 -8.09 -8.74
C GLY A 125 13.70 -9.01 -9.02
N ARG A 126 13.64 -9.75 -10.12
CA ARG A 126 14.78 -10.56 -10.53
C ARG A 126 15.82 -9.75 -11.32
N GLY A 127 15.48 -8.51 -11.65
CA GLY A 127 16.40 -7.65 -12.36
C GLY A 127 16.27 -7.70 -13.89
N TYR A 128 15.14 -8.17 -14.40
CA TYR A 128 14.93 -8.17 -15.85
C TYR A 128 15.06 -6.78 -16.40
N THR A 129 15.42 -6.71 -17.69
CA THR A 129 15.45 -5.44 -18.43
C THR A 129 14.21 -5.36 -19.30
N SER A 130 13.91 -4.16 -19.80
CA SER A 130 12.94 -3.99 -20.90
C SER A 130 13.10 -5.06 -21.98
N ASP A 131 14.33 -5.25 -22.46
CA ASP A 131 14.58 -6.27 -23.48
C ASP A 131 14.16 -7.67 -23.07
N ASN A 132 14.39 -8.06 -21.81
CA ASN A 132 13.96 -9.39 -21.37
C ASN A 132 12.44 -9.54 -21.48
N VAL A 133 11.74 -8.44 -21.20
CA VAL A 133 10.28 -8.42 -21.18
C VAL A 133 9.73 -8.52 -22.60
N VAL A 134 10.20 -7.64 -23.47
CA VAL A 134 9.79 -7.70 -24.88
C VAL A 134 10.13 -9.07 -25.47
N SER A 135 11.34 -9.56 -25.20
CA SER A 135 11.75 -10.88 -25.71
C SER A 135 10.79 -11.96 -25.23
N SER A 136 10.33 -11.85 -23.99
CA SER A 136 9.41 -12.83 -23.45
C SER A 136 8.07 -12.75 -24.16
N ILE A 137 7.68 -11.53 -24.50
CA ILE A 137 6.41 -11.27 -25.18
C ILE A 137 6.41 -11.67 -26.67
N ALA A 138 7.56 -11.50 -27.31
CA ALA A 138 7.72 -11.70 -28.75
C ALA A 138 6.99 -12.91 -29.31
N THR A 139 6.20 -12.69 -30.36
CA THR A 139 5.48 -13.76 -31.03
C THR A 139 6.17 -14.15 -32.33
N GLY A 140 6.88 -13.19 -32.91
CA GLY A 140 7.55 -13.41 -34.18
C GLY A 140 7.04 -12.45 -35.23
N HIS A 141 5.96 -11.74 -34.90
CA HIS A 141 5.38 -10.74 -35.79
C HIS A 141 5.42 -9.37 -35.14
N ASP A 142 6.25 -8.49 -35.67
CA ASP A 142 6.41 -7.13 -35.12
C ASP A 142 5.09 -6.47 -34.69
N VAL A 143 4.09 -6.56 -35.57
CA VAL A 143 2.79 -5.92 -35.33
C VAL A 143 2.21 -6.33 -33.98
N ASP A 144 2.49 -7.57 -33.55
CA ASP A 144 1.91 -8.08 -32.31
C ASP A 144 2.33 -7.28 -31.06
N PHE A 145 3.44 -6.57 -31.13
CA PHE A 145 3.86 -5.78 -29.97
C PHE A 145 2.83 -4.70 -29.65
N PHE A 146 2.21 -4.15 -30.70
CA PHE A 146 1.25 -3.07 -30.51
C PHE A 146 -0.20 -3.54 -30.34
N ALA A 147 -0.43 -4.84 -30.51
CA ALA A 147 -1.74 -5.40 -30.16
C ALA A 147 -2.05 -5.00 -28.70
N PRO A 148 -3.29 -4.58 -28.43
CA PRO A 148 -3.63 -4.06 -27.09
C PRO A 148 -3.25 -5.03 -25.97
N THR A 149 -3.62 -6.30 -26.10
CA THR A 149 -3.34 -7.26 -25.04
C THR A 149 -1.85 -7.35 -24.72
N ALA A 150 -0.99 -7.16 -25.73
CA ALA A 150 0.45 -7.24 -25.50
C ALA A 150 0.98 -5.91 -24.96
N PHE A 151 0.61 -4.81 -25.62
CA PHE A 151 1.07 -3.51 -25.22
C PHE A 151 0.69 -3.17 -23.76
N THR A 152 -0.47 -3.61 -23.32
CA THR A 152 -0.93 -3.38 -21.96
C THR A 152 -0.02 -4.06 -20.92
N PHE A 153 0.24 -5.34 -21.12
CA PHE A 153 1.14 -6.07 -20.26
C PHE A 153 2.49 -5.36 -20.24
N LEU A 154 3.06 -5.13 -21.42
CA LEU A 154 4.33 -4.45 -21.51
C LEU A 154 4.34 -3.17 -20.67
N VAL A 155 3.25 -2.40 -20.74
CA VAL A 155 3.20 -1.16 -19.98
C VAL A 155 3.21 -1.43 -18.46
N LYS A 156 2.54 -2.50 -18.04
CA LYS A 156 2.59 -2.89 -16.63
C LYS A 156 4.01 -3.28 -16.21
N CYS A 157 4.82 -3.75 -17.16
CA CYS A 157 6.20 -4.10 -16.85
C CYS A 157 7.17 -2.92 -16.85
N VAL A 158 6.99 -1.98 -17.76
CA VAL A 158 7.98 -0.91 -17.85
C VAL A 158 7.43 0.43 -17.40
N GLU A 159 6.16 0.43 -17.00
CA GLU A 159 5.57 1.54 -16.22
C GLU A 159 5.09 2.77 -16.99
N SER A 160 5.27 2.78 -18.32
CA SER A 160 4.72 3.89 -19.12
C SER A 160 4.70 3.61 -20.61
N GLU A 161 3.91 4.40 -21.33
CA GLU A 161 3.86 4.27 -22.78
C GLU A 161 5.19 4.70 -23.39
N ASP A 162 5.74 5.80 -22.88
CA ASP A 162 7.07 6.22 -23.31
C ASP A 162 8.08 5.06 -23.24
N ASP A 163 8.19 4.40 -22.08
CA ASP A 163 9.14 3.28 -21.94
C ASP A 163 8.75 2.05 -22.76
N ALA A 164 7.45 1.83 -22.96
CA ALA A 164 6.99 0.70 -23.75
C ALA A 164 7.38 0.87 -25.24
N ASN A 165 7.09 2.05 -25.76
CA ASN A 165 7.40 2.36 -27.14
C ASN A 165 8.90 2.27 -27.31
N ASN A 166 9.62 2.90 -26.39
CA ASN A 166 11.07 2.89 -26.45
C ASN A 166 11.66 1.50 -26.41
N ALA A 167 11.01 0.60 -25.68
CA ALA A 167 11.50 -0.77 -25.55
C ALA A 167 11.29 -1.53 -26.84
N ILE A 168 10.15 -1.25 -27.48
CA ILE A 168 9.90 -1.87 -28.76
C ILE A 168 10.88 -1.36 -29.83
N PHE A 169 10.99 -0.04 -29.94
CA PHE A 169 12.00 0.61 -30.77
C PHE A 169 13.36 -0.06 -30.58
N GLU A 170 13.87 -0.09 -29.35
CA GLU A 170 15.17 -0.70 -29.10
C GLU A 170 15.23 -2.18 -29.50
N TYR A 171 14.15 -2.91 -29.27
CA TYR A 171 14.11 -4.32 -29.64
C TYR A 171 14.16 -4.47 -31.16
N PHE A 172 13.74 -3.42 -31.86
CA PHE A 172 13.76 -3.35 -33.33
C PHE A 172 15.11 -2.84 -33.83
N GLY A 173 16.15 -2.97 -33.01
CA GLY A 173 17.43 -2.39 -33.34
C GLY A 173 17.36 -0.89 -33.56
N SER A 174 16.40 -0.25 -32.90
CA SER A 174 16.27 1.21 -33.01
C SER A 174 16.14 1.67 -34.46
N ASN A 175 15.32 0.95 -35.22
CA ASN A 175 15.13 1.23 -36.64
C ASN A 175 13.76 1.90 -36.87
N PRO A 176 13.77 3.22 -37.11
CA PRO A 176 12.50 3.97 -37.17
C PRO A 176 11.55 3.44 -38.24
N SER A 177 12.10 2.88 -39.32
CA SER A 177 11.27 2.38 -40.42
C SER A 177 10.53 1.12 -40.00
N ARG A 178 11.26 0.20 -39.36
CA ARG A 178 10.64 -1.00 -38.81
C ARG A 178 9.52 -0.64 -37.84
N TYR A 179 9.82 0.32 -36.97
CA TYR A 179 8.89 0.78 -35.94
C TYR A 179 7.61 1.31 -36.58
N PHE A 180 7.76 2.30 -37.46
CA PHE A 180 6.64 2.87 -38.20
C PHE A 180 5.84 1.81 -38.97
N SER A 181 6.54 0.90 -39.65
CA SER A 181 5.84 -0.15 -40.37
C SER A 181 4.96 -0.91 -39.39
N ALA A 182 5.55 -1.30 -38.27
CA ALA A 182 4.79 -2.04 -37.24
C ALA A 182 3.56 -1.25 -36.76
N VAL A 183 3.75 0.01 -36.38
CA VAL A 183 2.64 0.87 -35.93
C VAL A 183 1.50 0.92 -36.96
N LEU A 184 1.84 1.14 -38.23
CA LEU A 184 0.86 1.27 -39.31
C LEU A 184 0.10 -0.03 -39.56
N HIS A 185 0.85 -1.11 -39.80
CA HIS A 185 0.26 -2.43 -39.94
C HIS A 185 -0.70 -2.68 -38.79
N ALA A 186 -0.28 -2.33 -37.58
CA ALA A 186 -1.11 -2.49 -36.39
C ALA A 186 -2.40 -1.70 -36.52
N MSE A 187 -2.28 -0.44 -36.95
CA MSE A 187 -3.44 0.40 -37.20
C MSE A 187 -4.45 -0.29 -38.12
O MSE A 187 -5.66 -0.18 -37.88
CB MSE A 187 -3.02 1.73 -37.80
CG MSE A 187 -2.61 2.76 -36.78
SE MSE A 187 -1.77 4.29 -37.61
CE MSE A 187 -1.61 5.47 -36.07
N GLU A 188 -3.95 -1.01 -39.13
CA GLU A 188 -4.85 -1.80 -40.00
C GLU A 188 -5.59 -2.94 -39.28
N LYS A 189 -5.05 -3.40 -38.15
CA LYS A 189 -5.63 -4.56 -37.44
C LYS A 189 -7.05 -4.30 -36.90
N PRO A 190 -7.87 -5.36 -36.84
CA PRO A 190 -9.32 -5.30 -36.57
C PRO A 190 -9.73 -4.70 -35.21
N ASP A 191 -9.00 -5.01 -34.15
CA ASP A 191 -9.36 -4.51 -32.83
C ASP A 191 -8.38 -3.43 -32.33
N ALA A 192 -7.75 -2.75 -33.27
CA ALA A 192 -6.71 -1.79 -32.94
C ALA A 192 -7.24 -0.71 -32.01
N ASP A 193 -6.36 -0.23 -31.15
CA ASP A 193 -6.64 0.91 -30.29
C ASP A 193 -5.97 2.14 -30.92
N SER A 194 -6.69 2.77 -31.84
CA SER A 194 -6.09 3.80 -32.70
C SER A 194 -5.49 4.96 -31.92
N ARG A 195 -6.00 5.23 -30.72
CA ARG A 195 -5.47 6.32 -29.88
C ARG A 195 -4.05 6.00 -29.38
N VAL A 196 -3.86 4.76 -28.96
CA VAL A 196 -2.57 4.35 -28.40
C VAL A 196 -1.55 4.26 -29.52
N LEU A 197 -1.95 3.61 -30.63
CA LEU A 197 -1.14 3.61 -31.86
C LEU A 197 -0.76 5.02 -32.33
N GLU A 198 -1.73 5.93 -32.34
CA GLU A 198 -1.46 7.32 -32.67
C GLU A 198 -0.40 7.85 -31.72
N SER A 199 -0.46 7.40 -30.47
CA SER A 199 0.52 7.85 -29.47
C SER A 199 1.92 7.31 -29.72
N SER A 200 2.02 6.04 -30.13
CA SER A 200 3.32 5.45 -30.45
C SER A 200 3.95 6.12 -31.69
N LYS A 201 3.11 6.34 -32.69
CA LYS A 201 3.55 7.06 -33.89
C LYS A 201 4.09 8.41 -33.47
N LYS A 202 3.26 9.16 -32.73
CA LYS A 202 3.65 10.49 -32.26
C LYS A 202 4.96 10.42 -31.50
N TRP A 203 5.16 9.31 -30.79
CA TRP A 203 6.34 9.11 -29.98
C TRP A 203 7.61 9.08 -30.84
N MSE A 204 7.61 8.21 -31.87
CA MSE A 204 8.72 8.17 -32.82
C MSE A 204 9.01 9.54 -33.44
O MSE A 204 10.18 10.04 -33.46
CB MSE A 204 8.45 7.15 -33.91
CG MSE A 204 9.62 6.88 -34.81
SE MSE A 204 10.85 5.59 -34.04
CE MSE A 204 11.88 6.83 -32.94
N PHE A 205 7.96 10.18 -33.95
CA PHE A 205 8.15 11.51 -34.56
C PHE A 205 8.85 12.40 -33.55
N GLN A 206 8.31 12.44 -32.33
CA GLN A 206 8.84 13.30 -31.25
C GLN A 206 10.31 12.99 -30.92
N CYS A 207 10.68 11.71 -31.00
CA CYS A 207 12.07 11.32 -30.80
C CYS A 207 12.94 12.03 -31.79
N TYR A 208 12.54 11.99 -33.06
CA TYR A 208 13.33 12.72 -34.06
C TYR A 208 13.33 14.25 -33.89
N ALA A 209 12.17 14.84 -33.62
CA ALA A 209 12.11 16.27 -33.35
C ALA A 209 13.00 16.70 -32.20
N GLN A 210 12.86 16.01 -31.07
CA GLN A 210 13.64 16.31 -29.87
C GLN A 210 15.13 16.35 -30.19
N LYS A 211 15.61 15.37 -30.96
CA LYS A 211 17.01 15.35 -31.39
C LYS A 211 17.30 16.37 -32.53
N GLN A 212 16.28 17.16 -32.86
CA GLN A 212 16.38 18.27 -33.81
C GLN A 212 16.70 17.93 -35.28
N PHE A 213 16.26 16.78 -35.76
CA PHE A 213 16.46 16.44 -37.16
C PHE A 213 15.75 17.42 -38.11
N PRO A 214 16.49 17.94 -39.10
CA PRO A 214 15.81 18.59 -40.23
C PRO A 214 14.98 17.58 -41.03
N THR A 215 13.82 18.02 -41.54
CA THR A 215 12.96 17.14 -42.31
C THR A 215 13.69 16.31 -43.38
N PRO A 216 14.58 16.96 -44.16
CA PRO A 216 15.34 16.23 -45.19
C PRO A 216 16.15 15.08 -44.59
N VAL A 217 16.79 15.33 -43.45
CA VAL A 217 17.53 14.29 -42.75
C VAL A 217 16.58 13.22 -42.21
N PHE A 218 15.41 13.64 -41.71
CA PHE A 218 14.41 12.64 -41.34
C PHE A 218 14.12 11.69 -42.52
N GLU A 219 13.79 12.27 -43.67
CA GLU A 219 13.45 11.50 -44.87
C GLU A 219 14.59 10.54 -45.23
N ARG A 220 15.80 11.08 -45.30
CA ARG A 220 16.97 10.26 -45.61
C ARG A 220 17.13 9.11 -44.60
N THR A 221 16.84 9.38 -43.32
CA THR A 221 16.96 8.35 -42.29
C THR A 221 15.98 7.22 -42.54
N LEU A 222 14.73 7.59 -42.81
CA LEU A 222 13.71 6.59 -43.11
C LEU A 222 14.16 5.71 -44.26
N ALA A 223 14.65 6.35 -45.33
CA ALA A 223 15.13 5.62 -46.51
C ALA A 223 16.29 4.67 -46.18
N ALA A 224 17.29 5.20 -45.47
CA ALA A 224 18.51 4.47 -45.17
C ALA A 224 18.27 3.19 -44.38
N TYR A 225 17.33 3.20 -43.44
CA TYR A 225 17.08 2.02 -42.62
C TYR A 225 16.42 0.88 -43.39
N GLN A 226 16.27 1.05 -44.70
CA GLN A 226 15.77 -0.03 -45.56
C GLN A 226 16.81 -0.46 -46.62
N TYR A 239 9.54 -8.63 -40.97
CA TYR A 239 9.73 -7.20 -41.21
C TYR A 239 9.47 -6.81 -42.66
N GLU A 240 8.29 -6.25 -42.92
CA GLU A 240 7.93 -5.75 -44.26
C GLU A 240 8.07 -4.22 -44.36
N LYS A 241 8.82 -3.75 -45.35
CA LYS A 241 9.23 -2.34 -45.44
C LYS A 241 8.11 -1.32 -45.74
N LEU A 242 8.46 -0.04 -45.69
CA LEU A 242 7.50 1.06 -45.91
C LEU A 242 7.34 1.43 -47.40
N SER A 243 6.11 1.71 -47.80
CA SER A 243 5.82 2.05 -49.19
C SER A 243 6.20 3.49 -49.51
N LEU A 244 6.63 3.73 -50.74
CA LEU A 244 7.03 5.06 -51.17
C LEU A 244 6.05 6.11 -50.64
N SER A 245 4.75 5.82 -50.76
CA SER A 245 3.73 6.73 -50.28
C SER A 245 3.78 6.86 -48.76
N GLN A 246 4.06 5.75 -48.08
CA GLN A 246 4.17 5.74 -46.63
C GLN A 246 5.28 6.66 -46.15
N ILE A 247 6.46 6.50 -46.76
CA ILE A 247 7.61 7.32 -46.41
C ILE A 247 7.32 8.80 -46.63
N GLU A 248 6.64 9.10 -47.74
CA GLU A 248 6.28 10.47 -48.07
C GLU A 248 5.27 11.03 -47.07
N GLU A 249 4.31 10.20 -46.69
CA GLU A 249 3.29 10.59 -45.72
C GLU A 249 3.91 10.90 -44.37
N LEU A 250 4.81 10.03 -43.93
CA LEU A 250 5.50 10.22 -42.65
C LEU A 250 6.34 11.49 -42.66
N VAL A 251 7.03 11.72 -43.77
CA VAL A 251 7.86 12.90 -43.93
C VAL A 251 7.03 14.17 -43.92
N GLU A 252 5.88 14.13 -44.56
CA GLU A 252 4.98 15.28 -44.60
C GLU A 252 4.46 15.64 -43.21
N GLU A 253 4.06 14.60 -42.48
CA GLU A 253 3.61 14.78 -41.10
C GLU A 253 4.73 15.40 -40.26
N TYR A 254 5.90 14.78 -40.29
CA TYR A 254 7.05 15.33 -39.61
C TYR A 254 7.21 16.81 -39.92
N SER A 255 7.17 17.15 -41.21
CA SER A 255 7.42 18.51 -41.66
C SER A 255 6.38 19.52 -41.15
N ARG A 256 5.11 19.12 -41.19
CA ARG A 256 4.01 20.02 -40.83
C ARG A 256 3.77 20.11 -39.31
N ILE A 257 4.06 19.04 -38.59
CA ILE A 257 3.72 18.97 -37.17
C ILE A 257 4.91 19.16 -36.27
N TYR A 258 5.93 18.33 -36.49
CA TYR A 258 7.11 18.30 -35.63
C TYR A 258 8.25 19.06 -36.32
N SER A 259 8.10 20.38 -36.41
CA SER A 259 8.81 21.21 -37.40
C SER A 259 9.52 20.43 -38.52
N SER B 17 37.40 0.45 -10.04
CA SER B 17 37.69 -0.60 -9.04
C SER B 17 37.24 -1.97 -9.53
N ALA B 18 37.84 -3.01 -8.99
CA ALA B 18 37.55 -4.37 -9.41
C ALA B 18 36.04 -4.68 -9.33
N VAL B 19 35.43 -4.25 -8.21
CA VAL B 19 34.00 -4.47 -7.98
C VAL B 19 33.15 -3.74 -9.01
N GLU B 20 33.46 -2.46 -9.23
CA GLU B 20 32.75 -1.64 -10.21
C GLU B 20 32.90 -2.22 -11.60
N ALA B 21 34.11 -2.67 -11.92
CA ALA B 21 34.42 -3.14 -13.26
C ALA B 21 33.63 -4.40 -13.56
N LEU B 22 33.67 -5.35 -12.63
CA LEU B 22 32.92 -6.58 -12.80
C LEU B 22 31.44 -6.25 -12.87
N ILE B 23 31.01 -5.30 -12.06
CA ILE B 23 29.59 -4.95 -12.08
C ILE B 23 29.18 -4.48 -13.47
N GLU B 24 29.98 -3.58 -14.04
CA GLU B 24 29.69 -3.04 -15.37
C GLU B 24 29.74 -4.17 -16.41
N THR B 25 30.66 -5.11 -16.23
CA THR B 25 30.75 -6.24 -17.13
C THR B 25 29.47 -7.08 -17.11
N ILE B 26 29.04 -7.47 -15.91
CA ILE B 26 27.80 -8.21 -15.74
C ILE B 26 26.58 -7.46 -16.31
N ASP B 27 26.48 -6.18 -15.99
CA ASP B 27 25.40 -5.36 -16.50
C ASP B 27 25.41 -5.41 -18.02
N ARG B 28 26.60 -5.24 -18.60
CA ARG B 28 26.78 -5.24 -20.05
C ARG B 28 26.36 -6.57 -20.69
N HIS B 29 26.77 -7.67 -20.07
CA HIS B 29 26.33 -8.99 -20.54
C HIS B 29 24.81 -9.13 -20.37
N GLY B 30 24.24 -8.29 -19.51
CA GLY B 30 22.82 -8.33 -19.19
C GLY B 30 21.93 -7.59 -20.17
N ARG B 31 22.37 -6.41 -20.62
CA ARG B 31 21.70 -5.79 -21.76
C ARG B 31 21.83 -6.78 -22.94
N ASN B 35 22.97 -14.87 -27.71
CA ASN B 35 23.95 -15.42 -28.64
C ASN B 35 24.55 -16.69 -28.03
N ASP B 36 24.08 -17.01 -26.83
CA ASP B 36 24.09 -18.38 -26.30
C ASP B 36 25.43 -19.06 -26.08
N GLU B 37 26.10 -19.41 -27.17
CA GLU B 37 27.46 -19.94 -27.08
C GLU B 37 28.33 -18.87 -26.44
N ALA B 38 27.95 -17.61 -26.69
CA ALA B 38 28.56 -16.47 -26.01
C ALA B 38 28.23 -16.52 -24.52
N LYS B 39 26.96 -16.78 -24.21
CA LYS B 39 26.54 -16.98 -22.84
C LYS B 39 27.41 -17.97 -22.10
N MSE B 40 27.52 -19.18 -22.65
CA MSE B 40 28.33 -20.23 -22.05
C MSE B 40 29.79 -19.81 -21.90
O MSE B 40 30.53 -20.37 -21.10
CB MSE B 40 28.27 -21.51 -22.88
CG MSE B 40 26.86 -21.99 -23.11
SE MSE B 40 26.13 -22.77 -21.49
CE MSE B 40 24.27 -22.26 -21.73
N LYS B 41 30.18 -18.83 -22.71
CA LYS B 41 31.55 -18.35 -22.70
C LYS B 41 31.75 -17.35 -21.58
N LYS B 42 31.05 -16.22 -21.68
CA LYS B 42 31.14 -15.18 -20.67
C LYS B 42 30.86 -15.69 -19.24
N VAL B 43 29.86 -16.55 -19.09
CA VAL B 43 29.51 -17.03 -17.77
C VAL B 43 30.73 -17.68 -17.10
N VAL B 44 31.57 -18.34 -17.89
CA VAL B 44 32.75 -18.99 -17.30
C VAL B 44 33.75 -17.90 -16.88
N ARG B 45 33.98 -16.95 -17.77
CA ARG B 45 34.90 -15.87 -17.49
C ARG B 45 34.50 -15.12 -16.21
N THR B 46 33.23 -14.73 -16.13
CA THR B 46 32.76 -14.04 -14.94
C THR B 46 33.03 -14.89 -13.71
N TRP B 47 32.72 -16.19 -13.79
CA TRP B 47 32.89 -17.02 -12.62
C TRP B 47 34.33 -16.92 -12.18
N LYS B 48 35.24 -16.96 -13.15
CA LYS B 48 36.64 -16.98 -12.80
C LYS B 48 36.97 -15.73 -12.01
N LYS B 49 36.51 -14.58 -12.51
CA LYS B 49 36.84 -13.32 -11.85
C LYS B 49 36.26 -13.29 -10.44
N LEU B 50 35.15 -13.99 -10.25
CA LEU B 50 34.48 -13.97 -8.96
C LEU B 50 35.23 -14.83 -7.97
N ILE B 51 35.84 -15.92 -8.44
CA ILE B 51 36.48 -16.84 -7.50
C ILE B 51 37.97 -16.57 -7.32
N GLU B 52 38.51 -15.64 -8.10
CA GLU B 52 39.96 -15.38 -8.09
C GLU B 52 40.38 -14.48 -6.93
N ARG B 53 39.45 -13.68 -6.42
CA ARG B 53 39.68 -12.99 -5.14
C ARG B 53 38.50 -13.25 -4.20
N ASP B 54 38.59 -12.75 -2.97
CA ASP B 54 37.62 -13.16 -1.96
C ASP B 54 36.73 -12.03 -1.46
N ASP B 55 36.89 -10.85 -2.07
CA ASP B 55 36.12 -9.68 -1.66
C ASP B 55 34.89 -9.43 -2.55
N LEU B 56 34.96 -9.91 -3.79
CA LEU B 56 34.00 -9.52 -4.82
C LEU B 56 32.59 -10.07 -4.61
N ILE B 57 32.49 -11.32 -4.19
CA ILE B 57 31.16 -11.96 -4.07
C ILE B 57 30.22 -11.20 -3.13
N GLY B 58 30.66 -10.87 -1.92
CA GLY B 58 29.85 -10.12 -0.97
C GLY B 58 29.43 -8.74 -1.44
N GLU B 59 30.39 -7.95 -1.89
CA GLU B 59 30.09 -6.60 -2.33
C GLU B 59 29.21 -6.54 -3.58
N ILE B 60 29.45 -7.46 -4.52
CA ILE B 60 28.69 -7.47 -5.75
C ILE B 60 27.27 -7.96 -5.45
N GLY B 61 27.19 -8.99 -4.61
CA GLY B 61 25.92 -9.49 -4.14
C GLY B 61 25.10 -8.40 -3.48
N LYS B 62 25.75 -7.57 -2.67
CA LYS B 62 25.05 -6.49 -1.95
C LYS B 62 24.59 -5.41 -2.93
N HIS B 63 25.45 -5.09 -3.90
CA HIS B 63 25.06 -4.16 -4.96
C HIS B 63 23.76 -4.63 -5.65
N TYR B 64 23.71 -5.87 -6.14
CA TYR B 64 22.47 -6.31 -6.78
C TYR B 64 21.30 -6.52 -5.80
N PHE B 65 21.61 -6.81 -4.55
CA PHE B 65 20.57 -6.91 -3.54
C PHE B 65 19.83 -5.55 -3.47
N GLU B 66 20.59 -4.46 -3.45
CA GLU B 66 19.98 -3.13 -3.35
C GLU B 66 19.44 -2.57 -4.67
N ALA B 67 19.78 -3.23 -5.79
CA ALA B 67 19.32 -2.80 -7.11
C ALA B 67 19.47 -3.96 -8.09
N PRO B 68 18.49 -4.86 -8.13
CA PRO B 68 18.58 -6.10 -8.91
C PRO B 68 18.65 -5.87 -10.41
N GLY B 69 18.14 -4.74 -10.88
CA GLY B 69 17.95 -4.49 -12.30
C GLY B 69 17.29 -3.13 -12.55
N PRO B 70 17.19 -2.73 -13.81
CA PRO B 70 16.74 -1.38 -14.15
C PRO B 70 15.23 -1.16 -14.02
N LEU B 71 14.47 -2.22 -13.80
CA LEU B 71 13.03 -2.04 -13.61
C LEU B 71 12.60 -2.18 -12.13
N HIS B 72 13.55 -2.29 -11.22
CA HIS B 72 13.20 -2.69 -9.85
C HIS B 72 12.56 -1.56 -9.06
N ASP B 73 11.60 -1.92 -8.22
CA ASP B 73 10.86 -0.95 -7.41
C ASP B 73 11.03 -1.28 -5.91
N THR B 74 12.17 -1.88 -5.57
CA THR B 74 12.43 -2.45 -4.25
C THR B 74 11.93 -1.62 -3.04
N TYR B 75 12.19 -0.32 -3.07
CA TYR B 75 11.92 0.51 -1.93
C TYR B 75 10.65 1.33 -2.05
N ASP B 76 9.81 0.99 -3.03
CA ASP B 76 8.58 1.76 -3.25
C ASP B 76 7.60 1.68 -2.08
N GLU B 77 7.51 0.51 -1.44
CA GLU B 77 6.69 0.36 -0.25
C GLU B 77 7.12 1.29 0.88
N ALA B 78 8.42 1.37 1.14
CA ALA B 78 8.93 2.27 2.18
C ALA B 78 8.50 3.70 1.88
N LEU B 79 8.64 4.10 0.60
CA LEU B 79 8.31 5.47 0.19
C LEU B 79 6.84 5.75 0.42
N ALA B 80 5.99 4.82 -0.01
CA ALA B 80 4.55 4.97 0.14
C ALA B 80 4.18 5.06 1.63
N THR B 81 4.87 4.28 2.45
CA THR B 81 4.61 4.28 3.87
C THR B 81 4.92 5.67 4.42
N ARG B 82 6.09 6.19 4.06
CA ARG B 82 6.47 7.54 4.48
C ARG B 82 5.44 8.59 4.02
N LEU B 83 5.06 8.52 2.76
CA LEU B 83 4.15 9.49 2.17
C LEU B 83 2.80 9.47 2.88
N VAL B 84 2.22 8.29 3.04
CA VAL B 84 0.96 8.11 3.75
C VAL B 84 1.07 8.59 5.20
N THR B 85 2.17 8.30 5.88
CA THR B 85 2.26 8.76 7.24
C THR B 85 2.28 10.29 7.30
N THR B 86 3.03 10.91 6.40
CA THR B 86 3.15 12.36 6.41
C THR B 86 1.89 13.12 5.94
N TYR B 87 1.25 12.62 4.89
CA TYR B 87 0.24 13.38 4.16
C TYR B 87 -1.16 12.76 4.27
N SER B 88 -1.23 11.55 4.80
CA SER B 88 -2.49 10.82 5.02
C SER B 88 -3.01 10.16 3.74
N ASP B 89 -3.97 9.25 3.92
CA ASP B 89 -4.54 8.51 2.78
C ASP B 89 -5.26 9.46 1.82
N ARG B 90 -6.08 10.35 2.35
CA ARG B 90 -6.80 11.28 1.49
C ARG B 90 -5.83 12.22 0.77
N GLY B 91 -4.79 12.63 1.48
CA GLY B 91 -3.73 13.42 0.89
C GLY B 91 -3.09 12.74 -0.32
N VAL B 92 -2.65 11.50 -0.16
CA VAL B 92 -1.99 10.85 -1.28
C VAL B 92 -2.98 10.61 -2.41
N ALA B 93 -4.22 10.30 -2.06
CA ALA B 93 -5.22 10.10 -3.10
C ALA B 93 -5.38 11.37 -3.94
N ARG B 94 -5.55 12.52 -3.27
CA ARG B 94 -5.63 13.80 -3.96
C ARG B 94 -4.44 13.96 -4.89
N ALA B 95 -3.24 13.86 -4.33
CA ALA B 95 -2.03 14.02 -5.13
C ALA B 95 -2.03 13.12 -6.39
N ILE B 96 -2.24 11.82 -6.20
CA ILE B 96 -2.27 10.88 -7.31
C ILE B 96 -3.22 11.36 -8.39
N LEU B 97 -4.44 11.69 -7.96
CA LEU B 97 -5.48 12.05 -8.90
C LEU B 97 -5.14 13.31 -9.68
N HIS B 98 -4.53 14.26 -8.99
CA HIS B 98 -4.43 15.62 -9.46
C HIS B 98 -3.16 15.85 -10.24
N THR B 99 -2.15 15.01 -10.03
CA THR B 99 -0.86 15.21 -10.67
C THR B 99 -0.63 14.20 -11.77
N ARG B 100 -1.57 13.30 -11.99
CA ARG B 100 -1.44 12.38 -13.11
C ARG B 100 -1.34 13.17 -14.42
N PRO B 101 -0.24 12.99 -15.17
CA PRO B 101 -0.13 13.73 -16.44
C PRO B 101 -1.18 13.29 -17.47
N SER B 102 -1.84 14.27 -18.09
CA SER B 102 -2.85 14.00 -19.12
C SER B 102 -2.23 13.46 -20.43
N ASP B 103 -0.98 13.82 -20.71
CA ASP B 103 -0.29 13.33 -21.90
C ASP B 103 0.19 11.90 -21.72
N PRO B 104 -0.43 10.95 -22.44
CA PRO B 104 -0.10 9.53 -22.28
C PRO B 104 1.39 9.26 -22.50
N LEU B 105 2.09 10.16 -23.18
CA LEU B 105 3.50 9.95 -23.47
C LEU B 105 4.38 10.76 -22.52
N SER B 106 3.78 11.34 -21.49
CA SER B 106 4.56 12.09 -20.50
C SER B 106 5.75 11.29 -19.98
N LYS B 107 6.86 12.00 -19.73
CA LYS B 107 8.04 11.37 -19.16
C LYS B 107 7.88 11.29 -17.65
N LYS B 108 6.74 11.78 -17.16
CA LYS B 108 6.40 11.74 -15.74
C LYS B 108 5.52 10.55 -15.42
N ALA B 109 4.95 9.94 -16.47
CA ALA B 109 3.96 8.89 -16.23
C ALA B 109 4.52 7.70 -15.45
N GLY B 110 5.78 7.34 -15.72
CA GLY B 110 6.39 6.19 -15.08
C GLY B 110 6.43 6.38 -13.57
N GLN B 111 6.94 7.54 -13.14
CA GLN B 111 6.97 7.93 -11.73
C GLN B 111 5.59 7.93 -11.06
N ALA B 112 4.64 8.56 -11.73
CA ALA B 112 3.28 8.66 -11.21
C ALA B 112 2.68 7.26 -10.99
N HIS B 113 2.92 6.37 -11.95
CA HIS B 113 2.41 5.01 -11.84
C HIS B 113 3.09 4.28 -10.69
N ARG B 114 4.41 4.42 -10.57
CA ARG B 114 5.11 3.79 -9.46
C ARG B 114 4.49 4.22 -8.13
N LEU B 115 4.23 5.53 -7.98
CA LEU B 115 3.67 6.04 -6.74
C LEU B 115 2.28 5.47 -6.47
N GLU B 116 1.41 5.55 -7.47
CA GLU B 116 0.05 5.12 -7.22
C GLU B 116 -0.04 3.62 -6.96
N GLU B 117 0.85 2.86 -7.58
CA GLU B 117 0.80 1.42 -7.44
C GLU B 117 1.40 1.04 -6.10
N ALA B 118 2.40 1.80 -5.66
CA ALA B 118 2.98 1.60 -4.33
C ALA B 118 1.92 1.84 -3.26
N VAL B 119 1.18 2.96 -3.38
CA VAL B 119 0.10 3.26 -2.45
C VAL B 119 -0.98 2.17 -2.49
N ALA B 120 -1.32 1.72 -3.70
CA ALA B 120 -2.31 0.66 -3.84
C ALA B 120 -1.88 -0.62 -3.12
N SER B 121 -0.62 -1.01 -3.30
CA SER B 121 -0.08 -2.21 -2.68
C SER B 121 -0.06 -2.10 -1.15
N LEU B 122 0.36 -0.94 -0.66
CA LEU B 122 0.43 -0.68 0.77
C LEU B 122 -0.97 -0.89 1.36
N TRP B 123 -1.94 -0.23 0.74
CA TRP B 123 -3.31 -0.34 1.19
C TRP B 123 -3.76 -1.79 1.21
N LYS B 124 -3.53 -2.51 0.11
CA LYS B 124 -3.93 -3.92 0.08
C LYS B 124 -3.32 -4.71 1.25
N GLY B 125 -2.01 -4.59 1.44
CA GLY B 125 -1.35 -5.39 2.44
C GLY B 125 -1.67 -5.00 3.88
N ARG B 126 -2.23 -3.81 4.07
CA ARG B 126 -2.71 -3.38 5.39
C ARG B 126 -4.12 -3.88 5.67
N GLY B 127 -4.76 -4.49 4.67
CA GLY B 127 -6.09 -5.06 4.88
C GLY B 127 -7.23 -4.13 4.48
N TYR B 128 -6.91 -3.02 3.79
CA TYR B 128 -8.00 -2.12 3.38
C TYR B 128 -9.07 -2.86 2.61
N THR B 129 -10.31 -2.37 2.72
CA THR B 129 -11.42 -2.88 1.91
C THR B 129 -11.64 -1.93 0.74
N SER B 130 -12.41 -2.40 -0.24
CA SER B 130 -12.86 -1.55 -1.34
C SER B 130 -13.37 -0.22 -0.79
N ASP B 131 -14.25 -0.30 0.20
CA ASP B 131 -14.87 0.91 0.75
C ASP B 131 -13.84 1.86 1.35
N ASN B 132 -12.79 1.33 1.96
CA ASN B 132 -11.70 2.21 2.43
C ASN B 132 -11.06 2.98 1.27
N VAL B 133 -10.94 2.31 0.13
CA VAL B 133 -10.31 2.92 -1.04
C VAL B 133 -11.20 4.03 -1.58
N VAL B 134 -12.45 3.67 -1.86
CA VAL B 134 -13.40 4.65 -2.37
C VAL B 134 -13.48 5.85 -1.43
N SER B 135 -13.55 5.60 -0.12
CA SER B 135 -13.59 6.67 0.86
C SER B 135 -12.35 7.55 0.81
N SER B 136 -11.19 6.95 0.56
CA SER B 136 -9.98 7.77 0.50
C SER B 136 -10.03 8.67 -0.72
N ILE B 137 -10.67 8.17 -1.78
CA ILE B 137 -10.72 8.91 -3.04
C ILE B 137 -11.79 10.02 -3.04
N ALA B 138 -12.87 9.79 -2.30
CA ALA B 138 -14.03 10.68 -2.25
C ALA B 138 -13.71 12.17 -2.21
N THR B 139 -14.35 12.94 -3.08
CA THR B 139 -14.12 14.37 -3.16
C THR B 139 -15.29 15.18 -2.60
N GLY B 140 -16.41 14.50 -2.37
CA GLY B 140 -17.61 15.17 -1.90
C GLY B 140 -18.64 15.23 -3.02
N HIS B 141 -18.16 15.14 -4.26
CA HIS B 141 -19.04 15.12 -5.41
C HIS B 141 -19.02 13.73 -6.05
N ASP B 142 -20.19 13.13 -6.15
CA ASP B 142 -20.30 11.78 -6.67
C ASP B 142 -19.68 11.61 -8.05
N VAL B 143 -19.85 12.61 -8.92
CA VAL B 143 -19.43 12.47 -10.30
C VAL B 143 -17.91 12.29 -10.41
N ASP B 144 -17.18 12.83 -9.44
CA ASP B 144 -15.72 12.72 -9.43
C ASP B 144 -15.16 11.28 -9.35
N PHE B 145 -15.99 10.32 -8.93
CA PHE B 145 -15.54 8.93 -8.87
C PHE B 145 -15.31 8.36 -10.26
N PHE B 146 -15.97 8.95 -11.27
CA PHE B 146 -15.88 8.41 -12.62
C PHE B 146 -14.93 9.19 -13.50
N ALA B 147 -14.40 10.30 -12.98
CA ALA B 147 -13.29 10.98 -13.66
C ALA B 147 -12.22 9.93 -13.98
N PRO B 148 -11.65 10.02 -15.18
CA PRO B 148 -10.66 9.01 -15.58
C PRO B 148 -9.53 8.85 -14.56
N THR B 149 -8.95 9.97 -14.12
CA THR B 149 -7.81 9.91 -13.22
C THR B 149 -8.13 9.19 -11.89
N ALA B 150 -9.38 9.30 -11.42
CA ALA B 150 -9.81 8.64 -10.19
C ALA B 150 -10.23 7.19 -10.43
N PHE B 151 -10.96 6.98 -11.52
CA PHE B 151 -11.43 5.63 -11.85
C PHE B 151 -10.26 4.67 -12.13
N THR B 152 -9.20 5.23 -12.71
CA THR B 152 -7.97 4.49 -13.03
C THR B 152 -7.27 3.98 -11.76
N PHE B 153 -7.06 4.90 -10.82
CA PHE B 153 -6.53 4.55 -9.51
C PHE B 153 -7.41 3.50 -8.86
N LEU B 154 -8.72 3.76 -8.83
CA LEU B 154 -9.63 2.82 -8.20
C LEU B 154 -9.43 1.43 -8.81
N VAL B 155 -9.37 1.34 -10.13
CA VAL B 155 -9.17 0.05 -10.80
C VAL B 155 -7.82 -0.60 -10.46
N LYS B 156 -6.81 0.23 -10.17
CA LYS B 156 -5.52 -0.36 -9.78
C LYS B 156 -5.62 -0.89 -8.36
N CYS B 157 -6.52 -0.30 -7.56
CA CYS B 157 -6.72 -0.74 -6.18
C CYS B 157 -7.58 -2.00 -6.04
N VAL B 158 -8.65 -2.12 -6.84
CA VAL B 158 -9.54 -3.29 -6.71
C VAL B 158 -9.46 -4.25 -7.92
N GLU B 159 -8.59 -3.93 -8.88
CA GLU B 159 -8.12 -4.90 -9.89
C GLU B 159 -9.04 -5.11 -11.10
N SER B 160 -10.14 -4.38 -11.19
CA SER B 160 -11.03 -4.55 -12.34
C SER B 160 -12.10 -3.49 -12.45
N GLU B 161 -12.66 -3.38 -13.64
CA GLU B 161 -13.74 -2.44 -13.88
C GLU B 161 -15.01 -2.91 -13.18
N ASP B 162 -15.27 -4.21 -13.22
CA ASP B 162 -16.39 -4.77 -12.47
C ASP B 162 -16.28 -4.36 -10.98
N ASP B 163 -15.16 -4.69 -10.34
CA ASP B 163 -14.99 -4.36 -8.93
C ASP B 163 -15.04 -2.86 -8.65
N ALA B 164 -14.55 -2.05 -9.59
CA ALA B 164 -14.57 -0.60 -9.39
C ALA B 164 -16.00 -0.07 -9.39
N ASN B 165 -16.78 -0.47 -10.39
CA ASN B 165 -18.16 -0.04 -10.49
C ASN B 165 -18.94 -0.50 -9.28
N ASN B 166 -18.72 -1.75 -8.89
CA ASN B 166 -19.40 -2.29 -7.72
C ASN B 166 -19.05 -1.52 -6.45
N ALA B 167 -17.79 -1.14 -6.32
CA ALA B 167 -17.33 -0.40 -5.16
C ALA B 167 -18.01 0.96 -5.09
N ILE B 168 -18.05 1.64 -6.23
CA ILE B 168 -18.69 2.95 -6.24
C ILE B 168 -20.19 2.76 -5.91
N PHE B 169 -20.79 1.75 -6.51
CA PHE B 169 -22.20 1.44 -6.28
C PHE B 169 -22.49 1.30 -4.78
N GLU B 170 -21.83 0.33 -4.12
CA GLU B 170 -22.01 0.14 -2.68
C GLU B 170 -21.73 1.41 -1.89
N TYR B 171 -20.70 2.14 -2.26
CA TYR B 171 -20.44 3.40 -1.59
C TYR B 171 -21.64 4.34 -1.75
N PHE B 172 -22.41 4.14 -2.83
CA PHE B 172 -23.60 4.95 -3.04
C PHE B 172 -24.81 4.37 -2.31
N GLY B 173 -24.57 3.42 -1.42
CA GLY B 173 -25.65 2.77 -0.72
C GLY B 173 -26.43 1.83 -1.61
N SER B 174 -25.77 1.32 -2.66
CA SER B 174 -26.40 0.39 -3.57
C SER B 174 -27.67 0.97 -4.15
N ASN B 175 -27.58 2.25 -4.54
CA ASN B 175 -28.71 3.01 -5.07
C ASN B 175 -28.55 3.33 -6.57
N PRO B 176 -29.30 2.61 -7.41
CA PRO B 176 -29.18 2.71 -8.87
C PRO B 176 -29.33 4.14 -9.39
N SER B 177 -30.26 4.90 -8.84
CA SER B 177 -30.49 6.26 -9.33
C SER B 177 -29.29 7.17 -9.08
N ARG B 178 -28.67 7.02 -7.92
CA ARG B 178 -27.51 7.81 -7.58
C ARG B 178 -26.34 7.48 -8.49
N TYR B 179 -26.20 6.18 -8.78
CA TYR B 179 -25.18 5.70 -9.69
C TYR B 179 -25.38 6.28 -11.09
N PHE B 180 -26.53 6.00 -11.70
CA PHE B 180 -26.88 6.55 -13.01
C PHE B 180 -26.65 8.06 -13.07
N SER B 181 -27.12 8.78 -12.06
CA SER B 181 -26.89 10.23 -12.04
C SER B 181 -25.41 10.59 -12.11
N ALA B 182 -24.59 9.87 -11.34
CA ALA B 182 -23.15 10.08 -11.36
C ALA B 182 -22.53 9.80 -12.73
N VAL B 183 -22.95 8.71 -13.36
CA VAL B 183 -22.40 8.29 -14.63
C VAL B 183 -22.78 9.30 -15.72
N LEU B 184 -24.08 9.48 -15.92
CA LEU B 184 -24.58 10.43 -16.89
C LEU B 184 -23.91 11.77 -16.73
N HIS B 185 -23.88 12.30 -15.51
CA HIS B 185 -23.24 13.59 -15.30
C HIS B 185 -21.76 13.53 -15.65
N ALA B 186 -21.11 12.41 -15.38
CA ALA B 186 -19.71 12.25 -15.73
C ALA B 186 -19.52 12.40 -17.24
N MSE B 187 -20.40 11.79 -18.01
CA MSE B 187 -20.33 11.87 -19.47
C MSE B 187 -20.34 13.31 -19.97
O MSE B 187 -19.63 13.63 -20.91
CB MSE B 187 -21.48 11.10 -20.11
CG MSE B 187 -21.43 9.62 -19.86
SE MSE B 187 -23.06 8.82 -20.50
CE MSE B 187 -22.56 6.95 -20.39
N GLU B 188 -21.12 14.15 -19.34
CA GLU B 188 -21.24 15.54 -19.76
C GLU B 188 -20.04 16.41 -19.35
N LYS B 189 -19.06 15.79 -18.70
CA LYS B 189 -17.88 16.51 -18.23
C LYS B 189 -16.89 16.76 -19.37
N PRO B 190 -16.04 17.77 -19.19
CA PRO B 190 -15.06 18.13 -20.20
C PRO B 190 -14.24 16.94 -20.67
N ASP B 191 -13.39 16.41 -19.79
CA ASP B 191 -12.46 15.36 -20.18
C ASP B 191 -13.04 13.97 -19.89
N ALA B 192 -14.21 13.71 -20.44
CA ALA B 192 -14.87 12.43 -20.26
C ALA B 192 -14.22 11.31 -21.07
N ASP B 193 -14.42 10.09 -20.63
CA ASP B 193 -13.89 8.89 -21.26
C ASP B 193 -15.08 8.01 -21.63
N SER B 194 -15.65 8.26 -22.80
CA SER B 194 -16.93 7.68 -23.18
C SER B 194 -17.02 6.16 -23.10
N ARG B 195 -16.01 5.43 -23.57
CA ARG B 195 -16.10 3.97 -23.59
C ARG B 195 -16.22 3.39 -22.18
N VAL B 196 -15.41 3.90 -21.26
CA VAL B 196 -15.45 3.45 -19.87
C VAL B 196 -16.78 3.78 -19.20
N LEU B 197 -17.25 5.02 -19.35
CA LEU B 197 -18.53 5.45 -18.80
C LEU B 197 -19.69 4.62 -19.35
N GLU B 198 -19.61 4.27 -20.62
CA GLU B 198 -20.63 3.42 -21.22
C GLU B 198 -20.55 2.04 -20.60
N SER B 199 -19.34 1.63 -20.26
CA SER B 199 -19.17 0.35 -19.58
C SER B 199 -19.75 0.37 -18.15
N SER B 200 -19.60 1.49 -17.45
CA SER B 200 -20.17 1.65 -16.11
C SER B 200 -21.70 1.61 -16.17
N LYS B 201 -22.25 2.36 -17.13
CA LYS B 201 -23.70 2.35 -17.39
C LYS B 201 -24.19 0.94 -17.65
N LYS B 202 -23.53 0.27 -18.59
CA LYS B 202 -23.85 -1.10 -18.92
C LYS B 202 -23.80 -1.94 -17.65
N TRP B 203 -22.86 -1.63 -16.76
CA TRP B 203 -22.67 -2.42 -15.54
C TRP B 203 -23.93 -2.37 -14.68
N MSE B 204 -24.42 -1.15 -14.45
CA MSE B 204 -25.68 -0.99 -13.72
C MSE B 204 -26.83 -1.73 -14.41
O MSE B 204 -27.54 -2.57 -13.79
CB MSE B 204 -25.99 0.48 -13.53
CG MSE B 204 -27.14 0.75 -12.60
SE MSE B 204 -26.84 -0.11 -10.88
CE MSE B 204 -25.66 1.23 -10.17
N PHE B 205 -27.01 -1.45 -15.71
CA PHE B 205 -28.08 -2.09 -16.48
C PHE B 205 -28.04 -3.59 -16.26
N GLN B 206 -26.84 -4.16 -16.37
CA GLN B 206 -26.66 -5.60 -16.29
C GLN B 206 -26.97 -6.09 -14.90
N CYS B 207 -26.70 -5.28 -13.88
CA CYS B 207 -27.14 -5.66 -12.54
C CYS B 207 -28.62 -5.95 -12.61
N TYR B 208 -29.36 -5.02 -13.20
CA TYR B 208 -30.81 -5.23 -13.33
C TYR B 208 -31.17 -6.47 -14.18
N ALA B 209 -30.51 -6.62 -15.32
CA ALA B 209 -30.88 -7.66 -16.28
C ALA B 209 -30.59 -9.07 -15.79
N GLN B 210 -29.51 -9.25 -15.03
CA GLN B 210 -29.11 -10.57 -14.54
C GLN B 210 -30.17 -11.11 -13.58
N LYS B 211 -30.90 -10.20 -12.94
CA LYS B 211 -31.95 -10.59 -12.02
C LYS B 211 -33.31 -10.57 -12.72
N GLN B 212 -33.29 -10.38 -14.04
CA GLN B 212 -34.49 -10.53 -14.86
C GLN B 212 -35.60 -9.55 -14.45
N PHE B 213 -35.31 -8.26 -14.53
CA PHE B 213 -36.29 -7.25 -14.14
C PHE B 213 -37.15 -6.80 -15.32
N PRO B 214 -38.48 -6.88 -15.15
CA PRO B 214 -39.38 -6.23 -16.12
C PRO B 214 -39.09 -4.74 -16.19
N THR B 215 -39.23 -4.17 -17.38
CA THR B 215 -38.95 -2.76 -17.60
C THR B 215 -39.74 -1.82 -16.67
N PRO B 216 -41.05 -2.06 -16.51
CA PRO B 216 -41.81 -1.19 -15.59
C PRO B 216 -41.19 -1.18 -14.19
N VAL B 217 -40.78 -2.36 -13.71
CA VAL B 217 -40.11 -2.47 -12.41
C VAL B 217 -38.80 -1.69 -12.38
N PHE B 218 -38.00 -1.78 -13.45
CA PHE B 218 -36.80 -0.97 -13.60
C PHE B 218 -37.13 0.51 -13.38
N GLU B 219 -38.19 0.96 -14.05
CA GLU B 219 -38.62 2.36 -14.01
C GLU B 219 -39.08 2.79 -12.61
N ARG B 220 -39.94 1.96 -12.01
CA ARG B 220 -40.45 2.25 -10.67
C ARG B 220 -39.24 2.38 -9.74
N THR B 221 -38.43 1.33 -9.71
CA THR B 221 -37.18 1.31 -8.95
C THR B 221 -36.40 2.61 -9.08
N LEU B 222 -36.25 3.09 -10.30
CA LEU B 222 -35.54 4.35 -10.52
C LEU B 222 -36.21 5.54 -9.84
N ALA B 223 -37.53 5.60 -9.92
CA ALA B 223 -38.24 6.69 -9.25
C ALA B 223 -38.09 6.59 -7.72
N ALA B 224 -38.34 5.38 -7.21
CA ALA B 224 -38.27 5.07 -5.80
C ALA B 224 -36.94 5.43 -5.16
N TYR B 225 -35.85 4.89 -5.70
CA TYR B 225 -34.55 5.08 -5.08
C TYR B 225 -34.11 6.54 -5.08
N GLN B 226 -35.00 7.42 -5.55
CA GLN B 226 -34.65 8.83 -5.75
C GLN B 226 -35.34 9.79 -4.77
N SER B 227 -36.25 9.25 -3.98
CA SER B 227 -36.74 9.95 -2.80
C SER B 227 -37.71 9.01 -2.10
N GLU B 228 -37.80 9.09 -0.78
CA GLU B 228 -36.92 9.90 0.07
C GLU B 228 -36.74 9.11 1.37
N HIS B 238 -28.03 16.53 -1.44
CA HIS B 238 -27.14 15.39 -1.50
C HIS B 238 -26.50 15.27 -2.89
N TYR B 239 -27.30 14.88 -3.87
CA TYR B 239 -26.84 14.76 -5.24
C TYR B 239 -27.96 15.13 -6.21
N GLU B 240 -27.59 15.55 -7.41
CA GLU B 240 -28.57 15.93 -8.41
C GLU B 240 -29.38 14.72 -8.87
N LYS B 241 -30.67 14.73 -8.55
CA LYS B 241 -31.54 13.62 -8.91
C LYS B 241 -31.76 13.56 -10.42
N LEU B 242 -32.22 12.41 -10.89
CA LEU B 242 -32.49 12.22 -12.32
C LEU B 242 -33.76 12.93 -12.74
N SER B 243 -33.76 13.49 -13.93
CA SER B 243 -34.95 14.12 -14.50
C SER B 243 -35.81 13.04 -15.13
N LEU B 244 -37.06 13.38 -15.43
CA LEU B 244 -37.95 12.39 -16.04
C LEU B 244 -37.46 12.09 -17.45
N SER B 245 -36.82 13.08 -18.07
CA SER B 245 -36.20 12.87 -19.38
C SER B 245 -35.22 11.72 -19.26
N GLN B 246 -34.16 11.97 -18.48
CA GLN B 246 -33.11 10.97 -18.21
C GLN B 246 -33.70 9.61 -17.88
N ILE B 247 -34.69 9.59 -16.99
CA ILE B 247 -35.31 8.33 -16.62
C ILE B 247 -35.91 7.62 -17.81
N GLU B 248 -36.62 8.40 -18.63
CA GLU B 248 -37.29 7.87 -19.82
C GLU B 248 -36.26 7.25 -20.75
N GLU B 249 -35.18 7.99 -21.00
CA GLU B 249 -34.10 7.52 -21.86
C GLU B 249 -33.52 6.20 -21.33
N LEU B 250 -33.28 6.18 -20.01
CA LEU B 250 -32.79 4.98 -19.34
C LEU B 250 -33.70 3.77 -19.55
N VAL B 251 -35.00 3.93 -19.29
CA VAL B 251 -35.93 2.82 -19.43
C VAL B 251 -36.10 2.39 -20.87
N GLU B 252 -35.90 3.34 -21.78
CA GLU B 252 -35.96 3.05 -23.21
C GLU B 252 -34.80 2.14 -23.56
N GLU B 253 -33.59 2.55 -23.19
CA GLU B 253 -32.40 1.74 -23.43
C GLU B 253 -32.50 0.35 -22.78
N TYR B 254 -33.07 0.31 -21.59
CA TYR B 254 -33.21 -0.93 -20.85
C TYR B 254 -34.17 -1.91 -21.53
N SER B 255 -35.38 -1.45 -21.79
CA SER B 255 -36.38 -2.28 -22.47
C SER B 255 -35.85 -2.70 -23.84
N ARG B 256 -35.13 -1.79 -24.48
CA ARG B 256 -34.64 -1.98 -25.83
C ARG B 256 -33.60 -3.09 -25.92
N ILE B 257 -32.47 -2.89 -25.25
CA ILE B 257 -31.36 -3.81 -25.44
C ILE B 257 -31.18 -4.80 -24.29
N TYR B 258 -31.74 -4.50 -23.13
CA TYR B 258 -31.46 -5.31 -21.94
C TYR B 258 -32.59 -6.24 -21.51
N SER B 259 -33.83 -5.78 -21.64
CA SER B 259 -34.99 -6.57 -21.20
C SER B 259 -35.05 -7.93 -21.92
N PRO C 16 -1.70 -39.05 18.22
CA PRO C 16 -0.39 -38.39 18.23
C PRO C 16 0.53 -38.96 17.15
N SER C 17 0.68 -38.22 16.06
CA SER C 17 1.56 -38.64 14.98
C SER C 17 3.01 -38.64 15.41
N ALA C 18 3.89 -38.96 14.47
CA ALA C 18 5.32 -39.02 14.74
C ALA C 18 5.88 -37.61 14.98
N VAL C 19 5.47 -36.67 14.13
CA VAL C 19 5.91 -35.29 14.31
C VAL C 19 5.39 -34.70 15.62
N GLU C 20 4.12 -34.92 15.95
CA GLU C 20 3.56 -34.40 17.20
C GLU C 20 4.32 -34.90 18.45
N ALA C 21 4.70 -36.17 18.41
CA ALA C 21 5.38 -36.78 19.53
C ALA C 21 6.79 -36.23 19.61
N LEU C 22 7.41 -36.05 18.45
CA LEU C 22 8.78 -35.54 18.40
C LEU C 22 8.80 -34.09 18.94
N ILE C 23 7.78 -33.34 18.56
CA ILE C 23 7.60 -31.97 19.02
C ILE C 23 7.39 -31.90 20.52
N GLU C 24 6.47 -32.70 21.06
CA GLU C 24 6.30 -32.75 22.52
C GLU C 24 7.64 -33.07 23.18
N THR C 25 8.42 -33.94 22.56
CA THR C 25 9.69 -34.31 23.17
C THR C 25 10.70 -33.16 23.18
N ILE C 26 10.83 -32.48 22.03
CA ILE C 26 11.72 -31.32 21.95
C ILE C 26 11.28 -30.25 22.95
N ASP C 27 9.99 -29.99 23.01
CA ASP C 27 9.44 -29.03 23.97
C ASP C 27 9.76 -29.42 25.40
N ARG C 28 9.65 -30.71 25.69
CA ARG C 28 9.94 -31.22 27.03
C ARG C 28 11.41 -30.99 27.40
N HIS C 29 12.29 -31.11 26.42
CA HIS C 29 13.71 -30.92 26.63
C HIS C 29 14.03 -29.44 26.87
N GLY C 30 13.29 -28.56 26.21
CA GLY C 30 13.51 -27.14 26.33
C GLY C 30 12.90 -26.56 27.59
N ARG C 31 11.89 -27.23 28.12
CA ARG C 31 11.24 -26.79 29.34
C ARG C 31 12.10 -27.10 30.56
N VAL C 32 13.31 -27.58 30.33
CA VAL C 32 14.25 -27.89 31.40
C VAL C 32 15.68 -27.68 30.94
N SER C 33 16.64 -28.04 31.79
CA SER C 33 18.04 -27.87 31.45
C SER C 33 18.90 -29.02 31.99
N ASP C 36 24.63 -31.18 31.18
CA ASP C 36 25.46 -31.46 30.01
C ASP C 36 25.32 -32.90 29.53
N GLU C 37 25.50 -33.86 30.42
CA GLU C 37 25.41 -35.26 30.06
C GLU C 37 24.05 -35.58 29.44
N ALA C 38 23.00 -35.07 30.07
CA ALA C 38 21.64 -35.26 29.59
C ALA C 38 21.42 -34.55 28.26
N LYS C 39 21.99 -33.35 28.13
CA LYS C 39 21.89 -32.59 26.89
C LYS C 39 22.54 -33.35 25.74
N MSE C 40 23.76 -33.85 25.96
CA MSE C 40 24.53 -34.49 24.92
C MSE C 40 23.95 -35.85 24.53
O MSE C 40 24.20 -36.35 23.43
CB MSE C 40 25.98 -34.64 25.38
CG MSE C 40 26.62 -33.31 25.73
SE MSE C 40 27.21 -32.38 24.12
CE MSE C 40 27.06 -30.55 24.75
N LYS C 41 23.18 -36.45 25.44
CA LYS C 41 22.52 -37.70 25.14
C LYS C 41 21.24 -37.43 24.35
N LYS C 42 20.46 -36.49 24.87
CA LYS C 42 19.14 -36.23 24.33
C LYS C 42 19.20 -35.59 22.97
N VAL C 43 20.22 -34.76 22.75
CA VAL C 43 20.37 -34.15 21.42
C VAL C 43 20.64 -35.24 20.39
N VAL C 44 21.52 -36.17 20.73
CA VAL C 44 21.85 -37.28 19.82
C VAL C 44 20.61 -38.11 19.49
N ARG C 45 19.84 -38.46 20.51
CA ARG C 45 18.60 -39.18 20.25
C ARG C 45 17.69 -38.39 19.31
N THR C 46 17.47 -37.12 19.63
CA THR C 46 16.60 -36.28 18.81
C THR C 46 17.05 -36.26 17.35
N TRP C 47 18.35 -36.15 17.15
CA TRP C 47 18.92 -36.20 15.80
C TRP C 47 18.57 -37.53 15.13
N LYS C 48 18.85 -38.65 15.80
CA LYS C 48 18.52 -39.94 15.20
C LYS C 48 17.06 -39.94 14.74
N LYS C 49 16.15 -39.53 15.62
CA LYS C 49 14.72 -39.49 15.25
C LYS C 49 14.44 -38.60 14.05
N LEU C 50 15.17 -37.49 13.94
CA LEU C 50 14.92 -36.55 12.86
C LEU C 50 15.41 -37.04 11.51
N ILE C 51 16.52 -37.77 11.50
CA ILE C 51 17.03 -38.28 10.22
C ILE C 51 16.44 -39.66 9.82
N GLU C 52 15.82 -40.33 10.79
CA GLU C 52 15.22 -41.66 10.61
C GLU C 52 14.21 -41.66 9.46
N ARG C 53 13.19 -40.81 9.54
CA ARG C 53 12.24 -40.64 8.45
C ARG C 53 12.64 -39.45 7.58
N ASP C 54 11.84 -39.16 6.56
CA ASP C 54 12.17 -38.05 5.65
C ASP C 54 11.06 -37.01 5.58
N ASP C 55 10.07 -37.15 6.46
CA ASP C 55 8.93 -36.24 6.49
C ASP C 55 8.90 -35.31 7.74
N LEU C 56 9.78 -35.55 8.70
CA LEU C 56 9.68 -34.84 9.97
C LEU C 56 10.30 -33.44 9.96
N ILE C 57 11.42 -33.28 9.27
CA ILE C 57 12.18 -32.03 9.30
C ILE C 57 11.39 -30.86 8.76
N GLY C 58 10.75 -31.05 7.61
CA GLY C 58 9.91 -30.02 7.04
C GLY C 58 8.81 -29.60 7.99
N GLU C 59 8.05 -30.57 8.48
CA GLU C 59 6.86 -30.27 9.28
C GLU C 59 7.23 -29.68 10.64
N ILE C 60 8.24 -30.24 11.28
CA ILE C 60 8.68 -29.78 12.59
C ILE C 60 9.29 -28.36 12.47
N GLY C 61 10.08 -28.17 11.41
CA GLY C 61 10.57 -26.84 11.07
C GLY C 61 9.43 -25.82 10.90
N LYS C 62 8.41 -26.19 10.13
CA LYS C 62 7.31 -25.26 9.91
C LYS C 62 6.65 -24.94 11.24
N HIS C 63 6.47 -25.98 12.06
CA HIS C 63 5.85 -25.80 13.36
C HIS C 63 6.60 -24.78 14.22
N TYR C 64 7.91 -24.93 14.34
CA TYR C 64 8.64 -23.95 15.15
C TYR C 64 8.68 -22.56 14.49
N PHE C 65 8.82 -22.52 13.16
CA PHE C 65 8.75 -21.27 12.43
C PHE C 65 7.50 -20.48 12.82
N GLU C 66 6.37 -21.16 12.96
CA GLU C 66 5.12 -20.47 13.26
C GLU C 66 4.93 -20.21 14.76
N ALA C 67 5.72 -20.90 15.58
CA ALA C 67 5.64 -20.78 17.03
C ALA C 67 6.98 -21.18 17.65
N PRO C 68 7.95 -20.27 17.64
CA PRO C 68 9.33 -20.62 18.00
C PRO C 68 9.47 -21.12 19.44
N GLY C 69 8.58 -20.68 20.34
CA GLY C 69 8.72 -20.92 21.76
C GLY C 69 7.59 -20.24 22.52
N PRO C 70 7.52 -20.50 23.82
CA PRO C 70 6.32 -20.07 24.55
C PRO C 70 6.28 -18.56 24.81
N LEU C 71 7.31 -17.84 24.39
CA LEU C 71 7.34 -16.40 24.62
C LEU C 71 7.20 -15.63 23.31
N HIS C 72 7.06 -16.35 22.19
CA HIS C 72 7.15 -15.68 20.88
C HIS C 72 5.97 -14.73 20.67
N ASP C 73 6.22 -13.67 19.90
CA ASP C 73 5.17 -12.67 19.58
C ASP C 73 5.12 -12.39 18.08
N THR C 74 5.36 -13.46 17.31
CA THR C 74 5.53 -13.40 15.87
C THR C 74 4.49 -12.61 15.10
N TYR C 75 3.22 -12.79 15.43
CA TYR C 75 2.16 -12.19 14.62
C TYR C 75 1.57 -10.92 15.22
N ASP C 76 2.18 -10.40 16.28
CA ASP C 76 1.64 -9.20 16.93
C ASP C 76 1.53 -7.97 16.00
N GLU C 77 2.53 -7.79 15.13
CA GLU C 77 2.49 -6.69 14.16
C GLU C 77 1.30 -6.78 13.19
N ALA C 78 1.03 -7.98 12.67
CA ALA C 78 -0.11 -8.12 11.78
C ALA C 78 -1.40 -7.76 12.51
N LEU C 79 -1.50 -8.16 13.77
CA LEU C 79 -2.70 -7.89 14.56
C LEU C 79 -2.85 -6.39 14.78
N ALA C 80 -1.75 -5.73 15.12
CA ALA C 80 -1.76 -4.28 15.30
C ALA C 80 -2.17 -3.60 13.98
N THR C 81 -1.67 -4.13 12.87
CA THR C 81 -2.02 -3.56 11.58
C THR C 81 -3.53 -3.62 11.41
N ARG C 82 -4.11 -4.80 11.66
CA ARG C 82 -5.54 -4.98 11.50
C ARG C 82 -6.33 -4.05 12.42
N LEU C 83 -5.89 -3.94 13.67
CA LEU C 83 -6.66 -3.23 14.69
C LEU C 83 -6.63 -1.73 14.39
N VAL C 84 -5.48 -1.26 13.93
CA VAL C 84 -5.30 0.14 13.56
C VAL C 84 -6.05 0.48 12.28
N THR C 85 -5.97 -0.36 11.26
CA THR C 85 -6.77 -0.15 10.06
C THR C 85 -8.24 -0.08 10.44
N THR C 86 -8.69 -1.00 11.28
CA THR C 86 -10.13 -1.10 11.59
C THR C 86 -10.64 0.00 12.52
N TYR C 87 -9.85 0.37 13.51
CA TYR C 87 -10.35 1.20 14.61
C TYR C 87 -9.64 2.54 14.71
N SER C 88 -8.59 2.70 13.93
CA SER C 88 -7.80 3.93 13.84
C SER C 88 -6.80 4.13 14.97
N ASP C 89 -5.83 5.00 14.71
CA ASP C 89 -4.79 5.32 15.69
C ASP C 89 -5.40 5.80 17.01
N ARG C 90 -6.31 6.76 16.94
CA ARG C 90 -6.92 7.28 18.15
C ARG C 90 -7.74 6.20 18.86
N GLY C 91 -8.48 5.38 18.12
CA GLY C 91 -9.31 4.36 18.74
C GLY C 91 -8.44 3.42 19.57
N VAL C 92 -7.34 3.03 18.96
CA VAL C 92 -6.40 2.10 19.53
C VAL C 92 -5.71 2.66 20.76
N ALA C 93 -5.27 3.92 20.67
CA ALA C 93 -4.65 4.55 21.84
C ALA C 93 -5.69 4.59 22.97
N ARG C 94 -6.92 4.90 22.62
CA ARG C 94 -7.98 4.96 23.62
C ARG C 94 -8.17 3.61 24.30
N ALA C 95 -8.22 2.53 23.52
CA ALA C 95 -8.39 1.18 24.07
C ALA C 95 -7.24 0.85 25.01
N ILE C 96 -6.02 1.15 24.56
CA ILE C 96 -4.85 0.84 25.38
C ILE C 96 -4.95 1.56 26.73
N LEU C 97 -5.23 2.86 26.68
CA LEU C 97 -5.36 3.64 27.90
C LEU C 97 -6.49 3.12 28.82
N HIS C 98 -7.70 2.98 28.28
CA HIS C 98 -8.86 2.61 29.08
C HIS C 98 -8.79 1.21 29.69
N THR C 99 -8.26 0.25 28.94
CA THR C 99 -8.37 -1.14 29.36
C THR C 99 -7.18 -1.63 30.15
N ARG C 100 -6.23 -0.75 30.43
CA ARG C 100 -5.06 -1.18 31.18
C ARG C 100 -5.50 -1.57 32.60
N PRO C 101 -5.26 -2.84 32.97
CA PRO C 101 -5.60 -3.33 34.31
C PRO C 101 -4.94 -2.52 35.40
N SER C 102 -5.69 -2.06 36.39
CA SER C 102 -5.06 -1.31 37.49
C SER C 102 -4.31 -2.22 38.45
N ASP C 103 -4.71 -3.49 38.53
CA ASP C 103 -4.02 -4.42 39.41
C ASP C 103 -2.71 -4.91 38.78
N PRO C 104 -1.58 -4.65 39.44
CA PRO C 104 -0.30 -5.03 38.83
C PRO C 104 -0.17 -6.54 38.63
N LEU C 105 -0.97 -7.33 39.33
CA LEU C 105 -0.83 -8.79 39.28
C LEU C 105 -1.87 -9.38 38.35
N SER C 106 -2.63 -8.50 37.69
CA SER C 106 -3.68 -8.95 36.78
C SER C 106 -3.17 -10.00 35.78
N LYS C 107 -4.02 -10.97 35.49
CA LYS C 107 -3.72 -11.99 34.50
C LYS C 107 -3.93 -11.43 33.09
N LYS C 108 -4.57 -10.25 33.01
CA LYS C 108 -4.79 -9.59 31.72
C LYS C 108 -3.59 -8.73 31.29
N ALA C 109 -2.66 -8.49 32.23
CA ALA C 109 -1.62 -7.51 32.01
C ALA C 109 -0.74 -7.86 30.81
N GLY C 110 -0.27 -9.11 30.75
CA GLY C 110 0.57 -9.57 29.66
C GLY C 110 -0.04 -9.33 28.29
N GLN C 111 -1.32 -9.63 28.12
CA GLN C 111 -2.02 -9.40 26.85
C GLN C 111 -2.08 -7.91 26.53
N ALA C 112 -2.41 -7.11 27.54
CA ALA C 112 -2.51 -5.67 27.34
C ALA C 112 -1.17 -5.12 26.87
N HIS C 113 -0.10 -5.57 27.51
CA HIS C 113 1.25 -5.11 27.20
C HIS C 113 1.63 -5.53 25.81
N ARG C 114 1.24 -6.74 25.42
CA ARG C 114 1.55 -7.17 24.07
C ARG C 114 0.86 -6.31 23.03
N LEU C 115 -0.41 -5.99 23.28
CA LEU C 115 -1.15 -5.13 22.37
C LEU C 115 -0.50 -3.77 22.25
N GLU C 116 -0.18 -3.15 23.39
CA GLU C 116 0.36 -1.81 23.34
C GLU C 116 1.77 -1.73 22.78
N GLU C 117 2.58 -2.74 23.06
CA GLU C 117 3.93 -2.76 22.52
C GLU C 117 3.88 -3.04 21.02
N ALA C 118 2.89 -3.81 20.57
CA ALA C 118 2.74 -4.09 19.14
C ALA C 118 2.32 -2.81 18.40
N VAL C 119 1.43 -2.04 19.01
CA VAL C 119 1.05 -0.75 18.42
C VAL C 119 2.27 0.22 18.38
N ALA C 120 2.98 0.33 19.50
CA ALA C 120 4.17 1.18 19.55
C ALA C 120 5.15 0.81 18.43
N SER C 121 5.44 -0.48 18.29
CA SER C 121 6.39 -0.96 17.29
C SER C 121 5.92 -0.68 15.87
N LEU C 122 4.63 -0.90 15.62
CA LEU C 122 4.04 -0.60 14.33
C LEU C 122 4.27 0.88 13.97
N TRP C 123 3.85 1.77 14.86
CA TRP C 123 4.01 3.22 14.70
C TRP C 123 5.47 3.62 14.50
N LYS C 124 6.36 3.05 15.30
CA LYS C 124 7.78 3.31 15.09
C LYS C 124 8.20 2.95 13.65
N GLY C 125 7.81 1.76 13.20
CA GLY C 125 8.23 1.27 11.90
C GLY C 125 7.62 2.03 10.74
N ARG C 126 6.46 2.67 10.96
CA ARG C 126 5.82 3.47 9.93
C ARG C 126 6.38 4.89 9.85
N GLY C 127 7.26 5.24 10.80
CA GLY C 127 7.91 6.54 10.81
C GLY C 127 7.21 7.61 11.63
N TYR C 128 6.31 7.22 12.53
CA TYR C 128 5.68 8.20 13.40
C TYR C 128 6.69 9.03 14.19
N THR C 129 6.31 10.25 14.51
CA THR C 129 7.12 11.10 15.36
C THR C 129 6.55 11.13 16.78
N SER C 130 7.33 11.63 17.73
CA SER C 130 6.82 11.90 19.07
C SER C 130 5.46 12.58 19.00
N ASP C 131 5.36 13.59 18.14
CA ASP C 131 4.13 14.36 18.04
C ASP C 131 2.96 13.55 17.46
N ASN C 132 3.23 12.63 16.52
CA ASN C 132 2.14 11.76 16.06
C ASN C 132 1.61 10.92 17.20
N VAL C 133 2.53 10.47 18.05
CA VAL C 133 2.16 9.61 19.19
C VAL C 133 1.29 10.40 20.18
N VAL C 134 1.80 11.56 20.59
CA VAL C 134 1.07 12.40 21.53
C VAL C 134 -0.31 12.78 21.01
N SER C 135 -0.39 13.09 19.72
CA SER C 135 -1.68 13.42 19.12
C SER C 135 -2.63 12.22 19.08
N SER C 136 -2.07 11.03 18.93
CA SER C 136 -2.94 9.85 18.94
C SER C 136 -3.53 9.64 20.34
N ILE C 137 -2.72 9.90 21.35
CA ILE C 137 -3.18 9.74 22.74
C ILE C 137 -4.13 10.85 23.19
N ALA C 138 -3.90 12.08 22.71
CA ALA C 138 -4.64 13.25 23.19
C ALA C 138 -6.12 12.99 23.41
N THR C 139 -6.58 13.22 24.63
CA THR C 139 -7.98 12.97 25.00
C THR C 139 -8.82 14.23 24.88
N GLY C 140 -8.16 15.38 24.82
CA GLY C 140 -8.86 16.65 24.83
C GLY C 140 -8.73 17.35 26.18
N HIS C 141 -8.00 16.71 27.09
CA HIS C 141 -7.67 17.32 28.37
C HIS C 141 -6.18 17.14 28.63
N ASP C 142 -5.46 18.25 28.76
CA ASP C 142 -4.02 18.21 29.05
C ASP C 142 -3.66 17.25 30.18
N VAL C 143 -4.42 17.26 31.26
CA VAL C 143 -4.03 16.54 32.48
C VAL C 143 -3.86 15.04 32.18
N ASP C 144 -4.69 14.52 31.29
CA ASP C 144 -4.67 13.11 30.93
C ASP C 144 -3.32 12.61 30.40
N PHE C 145 -2.51 13.52 29.82
CA PHE C 145 -1.22 13.07 29.29
C PHE C 145 -0.36 12.53 30.43
N PHE C 146 -0.64 12.96 31.66
CA PHE C 146 0.17 12.54 32.81
C PHE C 146 -0.49 11.47 33.68
N ALA C 147 -1.73 11.12 33.37
CA ALA C 147 -2.35 9.95 33.99
C ALA C 147 -1.44 8.75 33.70
N PRO C 148 -1.25 7.89 34.71
CA PRO C 148 -0.22 6.85 34.60
C PRO C 148 -0.44 5.95 33.39
N THR C 149 -1.70 5.70 33.03
CA THR C 149 -1.98 4.78 31.95
C THR C 149 -1.55 5.39 30.61
N ALA C 150 -1.68 6.70 30.48
CA ALA C 150 -1.31 7.40 29.25
C ALA C 150 0.22 7.55 29.16
N PHE C 151 0.79 7.98 30.27
CA PHE C 151 2.23 8.21 30.33
C PHE C 151 2.99 6.92 30.08
N THR C 152 2.51 5.81 30.65
CA THR C 152 3.19 4.53 30.46
C THR C 152 3.29 4.16 28.98
N PHE C 153 2.17 4.29 28.28
CA PHE C 153 2.15 4.01 26.85
C PHE C 153 3.08 4.95 26.09
N LEU C 154 3.02 6.25 26.43
CA LEU C 154 3.91 7.22 25.76
C LEU C 154 5.39 6.85 25.94
N VAL C 155 5.78 6.49 27.15
CA VAL C 155 7.16 6.06 27.39
C VAL C 155 7.53 4.79 26.61
N LYS C 156 6.55 3.89 26.40
CA LYS C 156 6.82 2.73 25.55
C LYS C 156 7.00 3.13 24.08
N CYS C 157 6.33 4.21 23.66
CA CYS C 157 6.50 4.71 22.30
C CYS C 157 7.77 5.52 22.07
N VAL C 158 8.24 6.25 23.08
CA VAL C 158 9.40 7.15 22.90
C VAL C 158 10.63 6.83 23.75
N GLU C 159 10.53 5.73 24.51
CA GLU C 159 11.68 5.04 25.09
C GLU C 159 12.27 5.61 26.39
N SER C 160 11.75 6.74 26.86
CA SER C 160 12.19 7.30 28.14
C SER C 160 11.29 8.42 28.67
N GLU C 161 11.32 8.62 29.98
CA GLU C 161 10.59 9.72 30.60
C GLU C 161 11.12 11.07 30.10
N ASP C 162 12.43 11.19 29.88
CA ASP C 162 12.95 12.42 29.30
C ASP C 162 12.22 12.71 27.98
N ASP C 163 12.20 11.75 27.07
CA ASP C 163 11.52 11.95 25.79
C ASP C 163 10.01 12.11 25.92
N ALA C 164 9.40 11.46 26.91
CA ALA C 164 7.96 11.55 27.07
C ALA C 164 7.55 12.97 27.54
N ASN C 165 8.24 13.44 28.56
CA ASN C 165 8.01 14.81 29.04
C ASN C 165 8.25 15.78 27.90
N ASN C 166 9.37 15.62 27.21
CA ASN C 166 9.63 16.52 26.08
C ASN C 166 8.56 16.50 25.00
N ALA C 167 8.07 15.30 24.68
CA ALA C 167 7.05 15.18 23.64
C ALA C 167 5.79 15.95 24.09
N ILE C 168 5.47 15.85 25.37
CA ILE C 168 4.27 16.52 25.85
C ILE C 168 4.50 18.04 25.84
N PHE C 169 5.65 18.46 26.35
CA PHE C 169 6.04 19.85 26.34
C PHE C 169 5.83 20.45 24.96
N GLU C 170 6.46 19.84 23.96
CA GLU C 170 6.36 20.33 22.59
C GLU C 170 4.93 20.30 22.10
N TYR C 171 4.18 19.28 22.48
CA TYR C 171 2.80 19.25 22.03
C TYR C 171 2.04 20.43 22.62
N PHE C 172 2.52 20.94 23.76
CA PHE C 172 1.87 22.05 24.44
C PHE C 172 2.35 23.40 23.84
N GLY C 173 3.03 23.33 22.70
CA GLY C 173 3.60 24.53 22.10
C GLY C 173 4.81 25.03 22.86
N SER C 174 5.47 24.11 23.56
CA SER C 174 6.61 24.47 24.40
C SER C 174 6.25 25.57 25.39
N ASN C 175 5.01 25.49 25.89
CA ASN C 175 4.52 26.44 26.90
C ASN C 175 4.69 25.89 28.30
N PRO C 176 5.72 26.36 29.01
CA PRO C 176 6.03 25.84 30.35
C PRO C 176 4.88 26.05 31.34
N SER C 177 4.10 27.10 31.18
CA SER C 177 3.05 27.35 32.15
C SER C 177 1.89 26.37 31.94
N ARG C 178 1.58 26.09 30.68
CA ARG C 178 0.61 25.05 30.34
C ARG C 178 1.03 23.66 30.87
N TYR C 179 2.31 23.32 30.69
CA TYR C 179 2.86 22.07 31.16
C TYR C 179 2.77 22.00 32.67
N PHE C 180 3.26 23.03 33.35
CA PHE C 180 3.20 23.02 34.81
C PHE C 180 1.79 22.91 35.32
N SER C 181 0.87 23.58 34.65
CA SER C 181 -0.52 23.55 35.06
C SER C 181 -1.08 22.13 34.91
N ALA C 182 -0.76 21.47 33.79
CA ALA C 182 -1.20 20.10 33.60
C ALA C 182 -0.64 19.18 34.72
N VAL C 183 0.66 19.29 34.98
CA VAL C 183 1.30 18.46 35.99
C VAL C 183 0.73 18.67 37.41
N LEU C 184 0.66 19.94 37.82
CA LEU C 184 0.08 20.26 39.12
C LEU C 184 -1.33 19.66 39.20
N HIS C 185 -2.14 19.91 38.18
CA HIS C 185 -3.48 19.34 38.11
C HIS C 185 -3.47 17.81 38.26
N ALA C 186 -2.55 17.15 37.56
CA ALA C 186 -2.44 15.69 37.56
C ALA C 186 -2.10 15.15 38.93
N MSE C 187 -1.36 15.94 39.70
CA MSE C 187 -1.00 15.53 41.05
C MSE C 187 -2.20 15.47 41.97
O MSE C 187 -2.18 14.79 42.99
CB MSE C 187 0.05 16.48 41.63
CG MSE C 187 1.44 16.24 41.11
SE MSE C 187 2.63 17.70 41.52
CE MSE C 187 4.32 16.85 41.07
N GLU C 188 -3.26 16.17 41.59
CA GLU C 188 -4.45 16.29 42.41
C GLU C 188 -5.45 15.17 42.13
N LYS C 189 -5.00 14.14 41.43
CA LYS C 189 -5.92 13.08 41.00
C LYS C 189 -5.72 11.78 41.78
N PRO C 190 -6.82 11.05 41.98
CA PRO C 190 -6.81 9.90 42.90
C PRO C 190 -5.86 8.78 42.47
N ASP C 191 -5.59 8.65 41.19
CA ASP C 191 -4.69 7.59 40.75
C ASP C 191 -3.23 8.03 40.68
N ALA C 192 -2.98 9.32 40.89
CA ALA C 192 -1.70 9.93 40.58
C ALA C 192 -0.49 9.10 41.00
N ASP C 193 0.51 9.03 40.13
CA ASP C 193 1.82 8.51 40.50
C ASP C 193 2.72 9.67 40.89
N SER C 194 2.86 9.89 42.19
CA SER C 194 3.57 11.07 42.70
C SER C 194 5.05 11.12 42.30
N ARG C 195 5.76 9.99 42.39
CA ARG C 195 7.17 10.00 42.00
C ARG C 195 7.32 10.42 40.53
N VAL C 196 6.51 9.83 39.65
CA VAL C 196 6.63 10.14 38.23
C VAL C 196 6.26 11.59 37.93
N LEU C 197 5.19 12.08 38.55
CA LEU C 197 4.78 13.47 38.37
C LEU C 197 5.86 14.43 38.88
N GLU C 198 6.48 14.08 40.00
CA GLU C 198 7.57 14.91 40.51
C GLU C 198 8.71 14.91 39.50
N SER C 199 8.93 13.78 38.83
CA SER C 199 9.97 13.73 37.82
C SER C 199 9.64 14.60 36.60
N SER C 200 8.38 14.69 36.23
CA SER C 200 8.01 15.54 35.10
C SER C 200 8.18 17.02 35.48
N LYS C 201 7.79 17.34 36.71
CA LYS C 201 7.97 18.70 37.20
C LYS C 201 9.45 19.05 37.14
N LYS C 202 10.27 18.18 37.75
CA LYS C 202 11.72 18.38 37.80
C LYS C 202 12.31 18.49 36.39
N TRP C 203 11.73 17.76 35.44
CA TRP C 203 12.21 17.80 34.07
C TRP C 203 12.05 19.22 33.57
N MSE C 204 10.87 19.77 33.82
CA MSE C 204 10.59 21.13 33.36
C MSE C 204 11.54 22.17 33.99
O MSE C 204 12.14 22.96 33.28
CB MSE C 204 9.15 21.51 33.63
CG MSE C 204 8.75 22.84 33.01
SE MSE C 204 8.98 22.85 31.11
CE MSE C 204 7.15 22.75 30.63
N PHE C 205 11.67 22.12 35.32
CA PHE C 205 12.62 23.02 35.99
C PHE C 205 14.02 22.89 35.39
N GLN C 206 14.50 21.65 35.25
CA GLN C 206 15.84 21.41 34.72
C GLN C 206 16.03 21.95 33.30
N CYS C 207 14.97 22.03 32.50
CA CYS C 207 15.16 22.63 31.19
C CYS C 207 15.68 24.08 31.30
N TYR C 208 15.09 24.86 32.21
CA TYR C 208 15.47 26.26 32.37
C TYR C 208 16.78 26.35 33.14
N ALA C 209 16.89 25.60 34.23
CA ALA C 209 18.16 25.51 34.95
C ALA C 209 19.35 25.29 34.01
N GLN C 210 19.20 24.33 33.10
CA GLN C 210 20.30 23.97 32.20
C GLN C 210 20.46 25.02 31.10
N LYS C 211 19.37 25.70 30.75
CA LYS C 211 19.48 26.88 29.88
C LYS C 211 20.06 28.07 30.67
N GLN C 212 20.27 27.85 31.97
CA GLN C 212 20.87 28.83 32.86
C GLN C 212 20.06 30.11 33.03
N PHE C 213 18.74 29.97 33.14
CA PHE C 213 17.90 31.11 33.45
C PHE C 213 18.11 31.54 34.88
N PRO C 214 18.24 32.86 35.09
CA PRO C 214 18.13 33.38 36.46
C PRO C 214 16.66 33.34 36.88
N THR C 215 16.40 33.30 38.18
CA THR C 215 15.05 33.13 38.69
C THR C 215 14.01 34.09 38.11
N PRO C 216 14.30 35.40 38.12
CA PRO C 216 13.27 36.36 37.66
C PRO C 216 12.95 36.20 36.17
N VAL C 217 13.94 35.76 35.38
CA VAL C 217 13.67 35.40 33.99
C VAL C 217 12.75 34.19 33.89
N PHE C 218 12.95 33.23 34.77
CA PHE C 218 12.04 32.10 34.86
C PHE C 218 10.62 32.61 35.12
N GLU C 219 10.46 33.39 36.19
CA GLU C 219 9.14 33.90 36.60
C GLU C 219 8.46 34.69 35.49
N ARG C 220 9.22 35.58 34.86
CA ARG C 220 8.65 36.41 33.81
C ARG C 220 8.33 35.55 32.60
N THR C 221 9.06 34.47 32.41
CA THR C 221 8.76 33.54 31.32
C THR C 221 7.41 32.83 31.57
N LEU C 222 7.19 32.33 32.79
CA LEU C 222 5.90 31.71 33.10
C LEU C 222 4.78 32.73 32.89
N ALA C 223 4.91 33.86 33.58
CA ALA C 223 3.91 34.91 33.52
C ALA C 223 3.63 35.31 32.07
N ALA C 224 4.70 35.52 31.31
CA ALA C 224 4.58 35.92 29.91
C ALA C 224 3.89 34.88 29.05
N TYR C 225 4.08 33.61 29.35
CA TYR C 225 3.38 32.57 28.63
C TYR C 225 1.89 32.59 28.98
N GLN C 226 1.59 33.19 30.14
CA GLN C 226 0.23 33.29 30.63
C GLN C 226 -0.31 34.71 30.46
N SER C 227 0.27 35.46 29.54
CA SER C 227 -0.07 36.87 29.38
C SER C 227 -1.11 37.15 28.31
N GLU C 228 -1.73 38.32 28.40
CA GLU C 228 -2.71 38.78 27.43
C GLU C 228 -2.07 39.17 26.09
N ASP C 229 -0.92 39.85 26.15
CA ASP C 229 -0.16 40.17 24.94
C ASP C 229 0.10 38.92 24.12
N TYR C 230 0.21 37.78 24.81
CA TYR C 230 0.35 36.46 24.19
C TYR C 230 -0.99 36.02 23.57
N HIS C 238 -6.21 28.54 26.12
CA HIS C 238 -7.51 27.92 26.40
C HIS C 238 -7.46 26.95 27.59
N TYR C 239 -6.26 26.62 28.05
CA TYR C 239 -6.07 25.76 29.23
C TYR C 239 -6.30 26.56 30.50
N GLU C 240 -6.10 25.92 31.64
CA GLU C 240 -6.30 26.60 32.93
C GLU C 240 -5.00 27.21 33.45
N LYS C 241 -4.90 28.52 33.37
CA LYS C 241 -3.64 29.20 33.71
C LYS C 241 -3.23 28.95 35.15
N LEU C 242 -1.94 29.12 35.43
CA LEU C 242 -1.39 29.00 36.76
C LEU C 242 -1.84 30.13 37.69
N SER C 243 -2.49 29.77 38.80
CA SER C 243 -2.69 30.72 39.89
C SER C 243 -1.38 31.46 40.19
N LEU C 244 -1.48 32.65 40.77
CA LEU C 244 -0.29 33.42 41.08
C LEU C 244 0.42 32.83 42.28
N SER C 245 -0.36 32.22 43.18
CA SER C 245 0.21 31.48 44.29
C SER C 245 1.02 30.33 43.73
N GLN C 246 0.48 29.69 42.69
CA GLN C 246 1.20 28.62 42.02
C GLN C 246 2.52 29.14 41.46
N ILE C 247 2.46 30.25 40.74
CA ILE C 247 3.67 30.84 40.16
C ILE C 247 4.71 31.13 41.22
N GLU C 248 4.26 31.64 42.37
CA GLU C 248 5.16 31.93 43.49
C GLU C 248 5.81 30.65 44.01
N GLU C 249 5.00 29.61 44.21
CA GLU C 249 5.52 28.31 44.65
C GLU C 249 6.57 27.76 43.66
N LEU C 250 6.26 27.83 42.38
CA LEU C 250 7.15 27.32 41.35
C LEU C 250 8.47 28.09 41.33
N VAL C 251 8.38 29.42 41.31
CA VAL C 251 9.57 30.27 41.33
C VAL C 251 10.45 30.00 42.55
N GLU C 252 9.80 29.86 43.70
CA GLU C 252 10.48 29.58 44.96
C GLU C 252 11.24 28.28 44.84
N GLU C 253 10.55 27.22 44.40
CA GLU C 253 11.19 25.92 44.22
C GLU C 253 12.39 26.02 43.29
N TYR C 254 12.21 26.64 42.12
CA TYR C 254 13.29 26.84 41.17
C TYR C 254 14.51 27.49 41.83
N SER C 255 14.27 28.59 42.54
CA SER C 255 15.32 29.36 43.19
C SER C 255 16.06 28.58 44.26
N ARG C 256 15.29 27.98 45.17
CA ARG C 256 15.84 27.17 46.24
C ARG C 256 16.66 25.97 45.73
N ILE C 257 16.15 25.28 44.72
CA ILE C 257 16.71 23.98 44.32
C ILE C 257 17.51 23.98 43.04
N TYR C 258 17.01 24.70 42.04
CA TYR C 258 17.55 24.58 40.68
C TYR C 258 18.48 25.72 40.24
N SER C 259 18.18 26.94 40.67
CA SER C 259 19.03 28.09 40.33
C SER C 259 20.43 27.94 40.94
#